data_8JWI
#
_entry.id   8JWI
#
loop_
_entity.id
_entity.type
_entity.pdbx_description
1 polymer 'Multidrug resistance protein 1'
2 non-polymer "ADENOSINE-5'-TRIPHOSPHATE"
3 non-polymer 'MAGNESIUM ION'
#
_entity_poly.entity_id   1
_entity_poly.type   'polypeptide(L)'
_entity_poly.pdbx_seq_one_letter_code
;GGGGSEKISFFLPFKCLPAQHRKLLFISFVCAVLSGGTLPFFISVFGVILKNMNLGDDINPIILSLVSIGLVQFILSMIS
SYCMDVITSKILKTLKLEYLRSVFYQDGQFHDNNPGSKLRSDLDFYLEQVSSGIGTKFITIFTYASSFLGLYIWSLIKNA
RLTLCITCVFPLIYVCGVICNKKVKLNKKTSLLYNNNTMSIIEEALMGIRTVASYCGEKTILNKFNLSETFYSKYILKAN
FVEALHIGLINGLILVSYAFGFWYGTRIIINSATNQYPNNDFNGASVISILLGVLISMFMLTIILPNITEYMKALEATNS
LYEIINRKPLVENNDDGETLPNIKKIEFKNVRFHYDTRKDVEIYKDLSFTLKEGKTYAFVGESGCGKSTILKLIERLYDP
TEGDIIVNDSHNLKDINLKWWRSKIGVVSQDPLLFSNSIKNNIKYSLYSLKDLEAMENYYEENTNDTYENKNFSLISNSM
TSNELLEMKKEYQTIKDSDVVDVSKKVLIHDFVSSLPDKYDTLVGSNASKLSGGQKQRISIARAIMRNPKILILDQATSS
LDNKSEYLVQKTINNLKGNENRITIIIAHRLSTIRYANTIFVLSNRERSDNNNNNNNDDNNNNNNNNNNKINNEGSYIIE
QGTHDSLMKNKNGIYHLMINNQKISSNKSSNNGNDNGSDNKSSAYKDSDTGNDADNMNSLSIHENENISNNRNCKNTAEN
EKEEKVPFFKRMFRRKKKAPNNLRIIYKEIFSYKKDVTIIFFSILVAGGLYPVFALLYARYVSTLFDFANLEYNSNKYSI
YILLIAIAMFISETLKNYYNNKIGEKVEKTMKRRLFENILYQEMSFFDQDKNTPGVLSAHINRDVHLLKTGLVNNIVIFS
HFIMLFLVSMVMSFYFCPIVAAVLTFIYFINMRVFAVRARLTKSKEIEKKENMSSGVFAFSSDDEMFKDPSFLIQEAFYN
MHTVINYGLEDYFCNLIEKAIDYKNKGQKRRIIVNAALWGFSQSAQLFINSFAYWFGSFLIKRGTILVDDFMKSLFTFIF
TGSYAGKLMSLKGDSENAKLSFEKYYPLMIRKSNIDVRDDGGIRINKNLIKGKVDIKDVNFRYISRPNVPIYKNLSFTCD
SKKTTAIVGETGSGKSTFMNLLLRFYDLKNDHIILKNDMTNFQDYQNNNNNSLVLKNVNEFSNQSGSAEDYTVFNNNGEI
LLDDINICDYNLRDLRNLFSIVSQEPMLFNMSIYENIKFGREDATLEDVKRVSKFAAIDEFIESLPNKYDTNVGPYGKSL
SGGQKQRIAIARALLREPKILLLDQATSSLDSNSEKLIEKTIVDIKDKADKTIITIAHRIASIKRSDKIVVFNNPDRNGT
FVQSHGTHDELLSAQDGIYKKYVKLAK
;
_entity_poly.pdbx_strand_id   A
#
loop_
_chem_comp.id
_chem_comp.type
_chem_comp.name
_chem_comp.formula
ATP non-polymer ADENOSINE-5'-TRIPHOSPHATE 'C10 H16 N5 O13 P3'
MG non-polymer 'MAGNESIUM ION' 'Mg 2'
#
# COMPACT_ATOMS: atom_id res chain seq x y z
N LYS A 7 -1.60 -17.82 26.93
CA LYS A 7 -1.15 -16.43 26.80
C LYS A 7 0.05 -16.36 25.88
N ILE A 8 0.40 -15.13 25.48
CA ILE A 8 1.57 -14.88 24.66
C ILE A 8 2.61 -14.16 25.50
N SER A 9 2.30 -12.93 25.90
CA SER A 9 3.09 -12.16 26.85
C SER A 9 2.35 -10.86 27.14
N PHE A 10 2.98 -9.97 27.91
CA PHE A 10 2.40 -8.65 28.21
C PHE A 10 3.22 -7.51 27.64
N PHE A 11 4.51 -7.42 27.98
CA PHE A 11 5.36 -6.29 27.58
C PHE A 11 6.23 -6.65 26.37
N LEU A 12 5.58 -6.92 25.24
CA LEU A 12 6.29 -7.14 24.00
C LEU A 12 6.69 -5.85 23.28
N PRO A 13 5.81 -4.86 23.13
CA PRO A 13 6.21 -3.66 22.37
C PRO A 13 7.35 -2.87 23.02
N PHE A 14 7.63 -3.09 24.31
CA PHE A 14 8.66 -2.38 25.03
C PHE A 14 9.91 -3.23 25.25
N LYS A 15 10.07 -4.31 24.49
CA LYS A 15 11.18 -5.23 24.73
C LYS A 15 12.47 -4.71 24.10
N CYS A 16 12.43 -4.38 22.80
CA CYS A 16 13.61 -3.92 22.07
C CYS A 16 13.66 -2.39 22.11
N LEU A 17 14.14 -1.88 23.24
CA LEU A 17 14.41 -0.47 23.44
C LEU A 17 15.80 -0.31 24.04
N PRO A 18 16.41 0.86 23.91
CA PRO A 18 17.66 1.13 24.63
C PRO A 18 17.35 1.51 26.07
N ALA A 19 18.41 1.69 26.86
CA ALA A 19 18.25 2.07 28.26
C ALA A 19 17.89 3.55 28.42
N GLN A 20 17.88 4.33 27.33
CA GLN A 20 17.55 5.75 27.43
C GLN A 20 16.05 6.00 27.47
N HIS A 21 15.24 5.06 26.96
CA HIS A 21 13.79 5.19 26.97
C HIS A 21 13.12 4.39 28.07
N ARG A 22 13.79 3.36 28.61
CA ARG A 22 13.21 2.58 29.70
C ARG A 22 13.04 3.43 30.95
N LYS A 23 13.99 4.33 31.22
CA LYS A 23 13.83 5.23 32.36
C LYS A 23 12.68 6.19 32.14
N LEU A 24 12.47 6.64 30.91
CA LEU A 24 11.31 7.47 30.60
C LEU A 24 10.02 6.69 30.84
N LEU A 25 10.01 5.41 30.49
CA LEU A 25 8.84 4.57 30.74
C LEU A 25 8.57 4.47 32.24
N PHE A 26 9.62 4.25 33.02
CA PHE A 26 9.49 4.16 34.47
C PHE A 26 8.94 5.46 35.06
N ILE A 27 9.45 6.60 34.58
CA ILE A 27 8.96 7.89 35.06
C ILE A 27 7.49 8.09 34.71
N SER A 28 7.12 7.77 33.47
CA SER A 28 5.73 7.93 33.06
C SER A 28 4.80 7.01 33.84
N PHE A 29 5.30 5.83 34.23
CA PHE A 29 4.50 4.92 35.03
C PHE A 29 4.31 5.44 36.45
N VAL A 30 5.38 5.95 37.07
CA VAL A 30 5.27 6.33 38.48
C VAL A 30 4.58 7.68 38.64
N CYS A 31 4.70 8.59 37.68
CA CYS A 31 4.12 9.91 37.81
C CYS A 31 2.63 9.96 37.51
N ALA A 32 1.98 8.83 37.25
CA ALA A 32 0.54 8.77 37.03
C ALA A 32 -0.23 8.26 38.24
N VAL A 33 0.32 7.26 38.94
CA VAL A 33 -0.32 6.75 40.15
C VAL A 33 -0.42 7.84 41.20
N LEU A 34 0.58 8.71 41.27
CA LEU A 34 0.54 9.81 42.22
C LEU A 34 -0.60 10.77 41.91
N SER A 35 -0.72 11.17 40.65
CA SER A 35 -1.79 12.07 40.24
C SER A 35 -3.16 11.41 40.41
N GLY A 36 -3.22 10.08 40.35
CA GLY A 36 -4.48 9.40 40.55
C GLY A 36 -4.95 9.36 41.99
N GLY A 37 -4.01 9.38 42.94
CA GLY A 37 -4.35 9.23 44.34
C GLY A 37 -4.55 10.54 45.07
N THR A 38 -5.01 11.58 44.36
CA THR A 38 -5.31 12.87 44.96
C THR A 38 -6.79 13.10 45.17
N LEU A 39 -7.65 12.54 44.31
CA LEU A 39 -9.09 12.67 44.49
C LEU A 39 -9.57 12.08 45.82
N PRO A 40 -9.21 10.86 46.21
CA PRO A 40 -9.61 10.40 47.55
C PRO A 40 -8.92 11.16 48.67
N PHE A 41 -7.68 11.60 48.49
CA PHE A 41 -7.05 12.47 49.47
C PHE A 41 -7.80 13.79 49.57
N PHE A 42 -8.21 14.35 48.44
CA PHE A 42 -9.03 15.55 48.43
C PHE A 42 -10.32 15.33 49.21
N ILE A 43 -10.95 14.16 49.01
CA ILE A 43 -12.18 13.86 49.74
C ILE A 43 -11.92 13.80 51.24
N SER A 44 -10.87 13.09 51.64
CA SER A 44 -10.59 12.93 53.06
C SER A 44 -10.26 14.26 53.73
N VAL A 45 -9.66 15.19 53.00
CA VAL A 45 -9.37 16.51 53.56
C VAL A 45 -10.62 17.38 53.60
N PHE A 46 -11.37 17.41 52.49
CA PHE A 46 -12.52 18.30 52.39
C PHE A 46 -13.62 17.89 53.35
N GLY A 47 -13.78 16.59 53.59
CA GLY A 47 -14.84 16.14 54.50
C GLY A 47 -14.61 16.60 55.92
N VAL A 48 -13.35 16.56 56.38
CA VAL A 48 -13.06 16.96 57.75
C VAL A 48 -12.97 18.49 57.87
N ILE A 49 -12.52 19.18 56.83
CA ILE A 49 -12.38 20.63 56.92
C ILE A 49 -13.72 21.34 56.71
N LEU A 50 -14.67 20.72 56.00
CA LEU A 50 -15.93 21.40 55.73
C LEU A 50 -16.75 21.58 57.00
N LYS A 51 -16.75 20.58 57.88
CA LYS A 51 -17.58 20.59 59.07
C LYS A 51 -16.89 21.27 60.26
N ASN A 52 -15.94 22.15 60.01
CA ASN A 52 -15.26 22.91 61.06
C ASN A 52 -14.93 24.31 60.58
N ILE A 59 -8.64 31.13 56.79
CA ILE A 59 -9.34 30.81 55.54
C ILE A 59 -8.34 30.68 54.40
N ASN A 60 -7.35 31.56 54.38
CA ASN A 60 -6.35 31.60 53.31
C ASN A 60 -5.46 30.36 53.26
N PRO A 61 -4.92 29.85 54.38
CA PRO A 61 -4.01 28.70 54.29
C PRO A 61 -4.62 27.46 53.67
N ILE A 62 -5.91 27.19 53.91
CA ILE A 62 -6.54 26.00 53.36
C ILE A 62 -6.71 26.13 51.85
N ILE A 63 -7.13 27.31 51.38
CA ILE A 63 -7.25 27.55 49.95
C ILE A 63 -5.89 27.42 49.29
N LEU A 64 -4.85 27.94 49.94
CA LEU A 64 -3.50 27.83 49.38
C LEU A 64 -3.06 26.37 49.31
N SER A 65 -3.39 25.58 50.33
CA SER A 65 -3.05 24.16 50.30
C SER A 65 -3.76 23.44 49.17
N LEU A 66 -5.06 23.72 48.98
CA LEU A 66 -5.80 23.10 47.89
C LEU A 66 -5.21 23.46 46.53
N VAL A 67 -4.89 24.74 46.33
CA VAL A 67 -4.31 25.14 45.05
C VAL A 67 -2.92 24.54 44.86
N SER A 68 -2.16 24.37 45.95
CA SER A 68 -0.82 23.80 45.82
C SER A 68 -0.89 22.33 45.42
N ILE A 69 -1.80 21.57 46.02
CA ILE A 69 -1.93 20.17 45.63
C ILE A 69 -2.49 20.06 44.21
N GLY A 70 -3.35 20.99 43.80
CA GLY A 70 -3.76 21.04 42.41
C GLY A 70 -2.58 21.27 41.47
N LEU A 71 -1.69 22.19 41.84
CA LEU A 71 -0.54 22.48 40.98
C LEU A 71 0.41 21.29 40.89
N VAL A 72 0.67 20.61 42.01
CA VAL A 72 1.59 19.48 41.92
C VAL A 72 0.95 18.34 41.14
N GLN A 73 -0.38 18.20 41.22
CA GLN A 73 -1.06 17.25 40.35
C GLN A 73 -0.83 17.60 38.88
N PHE A 74 -0.98 18.87 38.54
CA PHE A 74 -0.75 19.33 37.17
C PHE A 74 0.66 18.98 36.70
N ILE A 75 1.66 19.31 37.52
CA ILE A 75 3.05 19.11 37.13
C ILE A 75 3.37 17.63 37.00
N LEU A 76 2.81 16.79 37.88
CA LEU A 76 3.10 15.37 37.78
C LEU A 76 2.41 14.73 36.60
N SER A 77 1.20 15.17 36.26
CA SER A 77 0.49 14.58 35.13
C SER A 77 0.97 15.13 33.79
N MET A 78 1.67 16.26 33.78
CA MET A 78 2.19 16.78 32.52
C MET A 78 3.37 15.95 32.01
N ILE A 79 4.16 15.39 32.93
CA ILE A 79 5.37 14.68 32.51
C ILE A 79 5.03 13.34 31.86
N SER A 80 4.06 12.62 32.43
CA SER A 80 3.74 11.29 31.94
C SER A 80 3.19 11.30 30.52
N SER A 81 2.59 12.40 30.08
CA SER A 81 2.09 12.49 28.72
C SER A 81 3.17 12.83 27.71
N TYR A 82 4.26 13.47 28.14
CA TYR A 82 5.37 13.79 27.25
C TYR A 82 6.30 12.61 27.07
N CYS A 83 6.60 11.90 28.15
CA CYS A 83 7.52 10.77 28.11
C CYS A 83 6.87 9.48 27.64
N MET A 84 5.65 9.56 27.08
CA MET A 84 4.97 8.41 26.50
C MET A 84 4.76 8.55 25.00
N ASP A 85 4.54 9.77 24.51
CA ASP A 85 4.41 10.01 23.08
C ASP A 85 5.74 9.99 22.34
N VAL A 86 6.86 9.94 23.07
CA VAL A 86 8.16 9.80 22.42
C VAL A 86 8.46 8.33 22.14
N ILE A 87 7.99 7.43 22.99
CA ILE A 87 8.24 6.00 22.80
C ILE A 87 7.36 5.45 21.69
N THR A 88 6.15 6.00 21.56
CA THR A 88 5.21 5.53 20.54
C THR A 88 5.80 5.68 19.14
N SER A 89 6.24 6.90 18.81
CA SER A 89 6.91 7.14 17.53
C SER A 89 8.40 6.92 17.62
N LYS A 90 8.80 5.82 18.28
CA LYS A 90 10.07 5.16 18.04
C LYS A 90 9.79 3.68 17.82
N ILE A 91 8.82 3.14 18.56
CA ILE A 91 8.39 1.77 18.29
C ILE A 91 7.77 1.66 16.90
N LEU A 92 6.94 2.64 16.53
CA LEU A 92 6.29 2.60 15.23
C LEU A 92 7.27 2.85 14.09
N LYS A 93 8.47 3.32 14.37
CA LYS A 93 9.55 3.44 13.40
C LYS A 93 10.37 2.16 13.33
N THR A 94 10.72 1.61 14.50
CA THR A 94 11.54 0.40 14.55
C THR A 94 10.83 -0.79 13.91
N LEU A 95 9.55 -0.98 14.23
CA LEU A 95 8.81 -2.09 13.65
C LEU A 95 8.75 -1.99 12.13
N LYS A 96 8.41 -0.80 11.62
CA LYS A 96 8.28 -0.61 10.18
C LYS A 96 9.62 -0.74 9.46
N LEU A 97 10.73 -0.40 10.12
CA LEU A 97 12.03 -0.59 9.49
C LEU A 97 12.46 -2.06 9.51
N GLU A 98 12.24 -2.75 10.63
CA GLU A 98 12.63 -4.15 10.69
C GLU A 98 11.77 -5.03 9.80
N TYR A 99 10.53 -4.61 9.52
CA TYR A 99 9.65 -5.42 8.68
C TYR A 99 10.19 -5.51 7.26
N LEU A 100 10.38 -4.37 6.60
CA LEU A 100 10.84 -4.33 5.22
C LEU A 100 12.37 -4.23 5.13
N ARG A 101 13.03 -5.10 5.88
CA ARG A 101 14.44 -5.41 5.67
C ARG A 101 14.62 -6.92 5.61
N SER A 102 13.76 -7.67 6.32
CA SER A 102 13.61 -9.11 6.09
C SER A 102 12.48 -9.38 5.11
N VAL A 103 12.48 -8.63 4.01
CA VAL A 103 11.70 -8.93 2.82
C VAL A 103 12.63 -8.91 1.61
N PHE A 104 13.73 -8.15 1.71
CA PHE A 104 14.71 -8.09 0.64
C PHE A 104 15.63 -9.29 0.66
N TYR A 105 15.96 -9.80 1.84
CA TYR A 105 16.82 -10.97 1.99
C TYR A 105 16.06 -12.27 1.88
N GLN A 106 14.77 -12.24 1.54
CA GLN A 106 14.01 -13.47 1.36
C GLN A 106 14.28 -14.05 -0.03
N ASP A 107 14.18 -15.37 -0.12
CA ASP A 107 14.42 -16.06 -1.37
C ASP A 107 13.31 -15.73 -2.38
N GLY A 108 13.49 -16.21 -3.61
CA GLY A 108 12.52 -15.94 -4.66
C GLY A 108 11.23 -16.72 -4.53
N GLN A 109 11.27 -17.89 -3.90
CA GLN A 109 10.07 -18.66 -3.66
C GLN A 109 9.11 -17.94 -2.72
N PHE A 110 9.63 -17.06 -1.86
CA PHE A 110 8.77 -16.25 -1.01
C PHE A 110 8.03 -15.19 -1.81
N HIS A 111 8.65 -14.67 -2.88
CA HIS A 111 8.05 -13.61 -3.66
C HIS A 111 7.01 -14.11 -4.64
N ASP A 112 7.01 -15.41 -4.95
CA ASP A 112 6.00 -15.97 -5.85
C ASP A 112 4.66 -16.12 -5.16
N ASN A 113 4.66 -16.62 -3.93
CA ASN A 113 3.43 -16.85 -3.19
C ASN A 113 2.91 -15.61 -2.48
N ASN A 114 3.76 -14.60 -2.23
CA ASN A 114 3.41 -13.40 -1.49
C ASN A 114 3.61 -12.18 -2.40
N PRO A 115 2.61 -11.80 -3.18
CA PRO A 115 2.74 -10.59 -4.00
C PRO A 115 2.92 -9.34 -3.14
N GLY A 116 3.43 -8.30 -3.79
CA GLY A 116 3.76 -7.06 -3.11
C GLY A 116 2.56 -6.30 -2.59
N SER A 117 1.38 -6.49 -3.17
CA SER A 117 0.17 -5.85 -2.69
C SER A 117 -0.42 -6.54 -1.47
N LYS A 118 0.06 -7.75 -1.14
CA LYS A 118 -0.39 -8.46 0.04
C LYS A 118 0.38 -8.08 1.30
N LEU A 119 1.56 -7.48 1.15
CA LEU A 119 2.41 -7.15 2.30
C LEU A 119 2.09 -5.77 2.86
N ARG A 120 1.91 -4.78 1.98
CA ARG A 120 1.59 -3.42 2.41
C ARG A 120 0.30 -3.39 3.22
N SER A 121 -0.70 -4.18 2.80
CA SER A 121 -1.98 -4.20 3.48
C SER A 121 -1.85 -4.73 4.90
N ASP A 122 -1.19 -5.87 5.06
CA ASP A 122 -0.96 -6.42 6.39
C ASP A 122 -0.17 -5.44 7.25
N LEU A 123 0.84 -4.80 6.67
CA LEU A 123 1.66 -3.86 7.41
C LEU A 123 0.83 -2.71 7.98
N ASP A 124 0.17 -1.96 7.09
CA ASP A 124 -0.60 -0.81 7.53
C ASP A 124 -1.93 -1.19 8.17
N PHE A 125 -2.24 -2.49 8.27
CA PHE A 125 -3.35 -2.94 9.08
C PHE A 125 -2.92 -3.19 10.52
N TYR A 126 -1.80 -3.90 10.72
CA TYR A 126 -1.37 -4.18 12.08
C TYR A 126 -0.82 -2.94 12.77
N LEU A 127 -0.16 -2.06 12.02
CA LEU A 127 0.38 -0.85 12.63
C LEU A 127 -0.72 0.05 13.16
N GLU A 128 -1.90 0.03 12.54
CA GLU A 128 -3.01 0.84 13.03
C GLU A 128 -3.46 0.36 14.41
N GLN A 129 -3.59 -0.95 14.58
CA GLN A 129 -3.94 -1.51 15.87
C GLN A 129 -2.91 -1.14 16.92
N VAL A 130 -1.62 -1.30 16.58
CA VAL A 130 -0.56 -0.98 17.53
C VAL A 130 -0.59 0.50 17.90
N SER A 131 -0.89 1.36 16.93
CA SER A 131 -0.96 2.79 17.20
C SER A 131 -2.13 3.13 18.10
N SER A 132 -3.28 2.48 17.88
CA SER A 132 -4.48 2.74 18.65
C SER A 132 -4.57 1.89 19.92
N GLY A 133 -3.47 1.25 20.32
CA GLY A 133 -3.45 0.52 21.58
C GLY A 133 -2.31 0.84 22.53
N ILE A 134 -1.40 1.74 22.16
CA ILE A 134 -0.24 2.08 23.00
C ILE A 134 -0.07 3.59 23.11
N GLY A 135 -1.12 4.35 22.77
CA GLY A 135 -1.00 5.80 22.78
C GLY A 135 -1.27 6.39 24.14
N THR A 136 -2.23 7.31 24.22
CA THR A 136 -2.66 7.89 25.48
C THR A 136 -3.49 6.92 26.31
N LYS A 137 -4.07 5.89 25.68
CA LYS A 137 -4.92 4.94 26.35
C LYS A 137 -4.15 4.01 27.30
N PHE A 138 -2.83 4.05 27.29
CA PHE A 138 -2.06 3.15 28.13
C PHE A 138 -1.94 3.67 29.55
N ILE A 139 -1.97 4.99 29.73
CA ILE A 139 -1.78 5.61 31.03
C ILE A 139 -3.09 5.90 31.76
N THR A 140 -4.19 6.10 31.02
CA THR A 140 -5.48 6.30 31.68
C THR A 140 -5.87 5.08 32.51
N ILE A 141 -5.51 3.89 32.05
CA ILE A 141 -5.74 2.66 32.82
C ILE A 141 -5.11 2.78 34.19
N PHE A 142 -3.82 3.09 34.23
CA PHE A 142 -3.07 3.11 35.48
C PHE A 142 -3.39 4.31 36.35
N THR A 143 -3.86 5.41 35.78
CA THR A 143 -4.21 6.57 36.60
C THR A 143 -5.64 6.52 37.12
N TYR A 144 -6.52 5.77 36.46
CA TYR A 144 -7.86 5.52 37.01
C TYR A 144 -7.95 4.23 37.81
N ALA A 145 -6.93 3.37 37.77
CA ALA A 145 -6.91 2.21 38.65
C ALA A 145 -6.44 2.56 40.05
N SER A 146 -5.70 3.65 40.22
CA SER A 146 -5.31 4.09 41.56
C SER A 146 -6.50 4.68 42.31
N SER A 147 -7.32 5.47 41.62
CA SER A 147 -8.52 6.01 42.25
C SER A 147 -9.48 4.91 42.67
N PHE A 148 -9.47 3.77 41.96
CA PHE A 148 -10.26 2.62 42.36
C PHE A 148 -9.84 2.13 43.73
N LEU A 149 -8.54 1.90 43.92
CA LEU A 149 -8.04 1.41 45.20
C LEU A 149 -8.21 2.46 46.30
N GLY A 150 -8.15 3.73 45.93
CA GLY A 150 -8.27 4.78 46.94
C GLY A 150 -9.62 4.80 47.62
N LEU A 151 -10.68 4.42 46.90
CA LEU A 151 -12.04 4.41 47.43
C LEU A 151 -12.52 3.01 47.81
N TYR A 152 -11.92 1.98 47.24
CA TYR A 152 -12.28 0.61 47.58
C TYR A 152 -11.61 0.16 48.87
N ILE A 153 -10.38 0.61 49.11
CA ILE A 153 -9.68 0.29 50.35
C ILE A 153 -10.25 1.09 51.51
N TRP A 154 -10.72 2.30 51.24
CA TRP A 154 -11.34 3.10 52.29
C TRP A 154 -12.63 2.45 52.79
N SER A 155 -13.48 2.01 51.86
CA SER A 155 -14.76 1.40 52.21
C SER A 155 -14.63 -0.01 52.75
N LEU A 156 -13.43 -0.60 52.73
CA LEU A 156 -13.23 -1.97 53.19
C LEU A 156 -12.93 -2.03 54.68
N ILE A 157 -12.28 -1.01 55.24
CA ILE A 157 -11.93 -1.04 56.65
C ILE A 157 -13.18 -0.94 57.52
N LYS A 158 -14.21 -0.23 57.05
CA LYS A 158 -15.40 -0.04 57.86
C LYS A 158 -16.25 -1.31 57.92
N ASN A 159 -16.54 -1.89 56.77
CA ASN A 159 -17.34 -3.11 56.71
C ASN A 159 -16.98 -3.86 55.44
N ALA A 160 -16.25 -4.96 55.59
CA ALA A 160 -15.76 -5.70 54.43
C ALA A 160 -16.78 -6.71 53.91
N ARG A 161 -17.61 -7.27 54.79
CA ARG A 161 -18.59 -8.27 54.35
C ARG A 161 -19.59 -7.68 53.36
N LEU A 162 -19.90 -6.39 53.49
CA LEU A 162 -20.77 -5.73 52.53
C LEU A 162 -20.11 -5.60 51.17
N THR A 163 -18.78 -5.50 51.13
CA THR A 163 -18.06 -5.09 49.94
C THR A 163 -17.51 -6.27 49.12
N LEU A 164 -17.33 -7.43 49.73
CA LEU A 164 -16.59 -8.54 49.12
C LEU A 164 -17.52 -9.55 48.46
N CYS A 165 -18.61 -9.05 47.87
CA CYS A 165 -19.48 -9.87 47.02
C CYS A 165 -19.09 -9.79 45.54
N ILE A 166 -18.34 -8.75 45.14
CA ILE A 166 -18.00 -8.57 43.73
C ILE A 166 -16.76 -9.38 43.37
N THR A 167 -15.91 -9.70 44.35
CA THR A 167 -14.77 -10.57 44.08
C THR A 167 -15.22 -11.96 43.66
N CYS A 168 -16.37 -12.41 44.15
CA CYS A 168 -16.98 -13.64 43.66
C CYS A 168 -17.53 -13.50 42.25
N VAL A 169 -17.72 -12.27 41.76
CA VAL A 169 -18.22 -12.02 40.42
C VAL A 169 -17.10 -11.80 39.41
N PHE A 170 -15.91 -11.39 39.84
CA PHE A 170 -14.77 -11.25 38.94
C PHE A 170 -14.52 -12.46 38.03
N PRO A 171 -14.64 -13.71 38.49
CA PRO A 171 -14.41 -14.82 37.54
C PRO A 171 -15.41 -14.89 36.41
N LEU A 172 -16.63 -14.37 36.60
CA LEU A 172 -17.68 -14.54 35.60
C LEU A 172 -17.45 -13.65 34.39
N ILE A 173 -17.01 -12.41 34.60
CA ILE A 173 -16.74 -11.51 33.49
C ILE A 173 -15.56 -12.00 32.66
N TYR A 174 -14.66 -12.78 33.26
CA TYR A 174 -13.52 -13.34 32.52
C TYR A 174 -13.95 -14.40 31.51
N VAL A 175 -15.15 -14.96 31.65
CA VAL A 175 -15.58 -16.04 30.77
C VAL A 175 -16.19 -15.48 29.49
N CYS A 176 -16.89 -14.35 29.57
CA CYS A 176 -17.47 -13.75 28.37
C CYS A 176 -16.40 -13.33 27.39
N GLY A 177 -15.26 -12.84 27.90
CA GLY A 177 -14.21 -12.33 27.03
C GLY A 177 -13.64 -13.40 26.14
N VAL A 178 -13.48 -14.62 26.67
CA VAL A 178 -12.87 -15.70 25.89
C VAL A 178 -13.71 -16.00 24.65
N ILE A 179 -15.00 -16.24 24.84
CA ILE A 179 -15.85 -16.62 23.71
C ILE A 179 -16.06 -15.43 22.78
N CYS A 180 -16.27 -14.24 23.36
CA CYS A 180 -16.50 -13.05 22.55
C CYS A 180 -15.24 -12.53 21.86
N ASN A 181 -14.08 -13.09 22.18
CA ASN A 181 -12.86 -12.88 21.41
C ASN A 181 -12.64 -14.00 20.39
N LYS A 182 -12.99 -15.23 20.75
CA LYS A 182 -12.87 -16.36 19.82
C LYS A 182 -13.78 -16.17 18.61
N LYS A 183 -14.91 -15.49 18.79
CA LYS A 183 -15.86 -15.26 17.69
C LYS A 183 -15.56 -13.95 16.94
N VAL A 184 -14.30 -13.51 16.92
CA VAL A 184 -13.91 -12.26 16.27
C VAL A 184 -12.80 -12.49 15.26
N LYS A 185 -11.69 -13.12 15.68
CA LYS A 185 -10.54 -13.29 14.83
C LYS A 185 -10.86 -14.06 13.56
N LEU A 186 -11.82 -14.98 13.63
CA LEU A 186 -12.25 -15.69 12.43
C LEU A 186 -12.73 -14.72 11.36
N ASN A 187 -13.68 -13.84 11.72
CA ASN A 187 -14.20 -12.89 10.76
C ASN A 187 -13.15 -11.86 10.34
N LYS A 188 -12.26 -11.48 11.25
CA LYS A 188 -11.24 -10.50 10.88
C LYS A 188 -10.26 -11.09 9.85
N LYS A 189 -9.80 -12.32 10.09
CA LYS A 189 -8.94 -12.99 9.11
C LYS A 189 -9.66 -13.19 7.79
N THR A 190 -10.95 -13.50 7.84
CA THR A 190 -11.70 -13.70 6.60
C THR A 190 -11.87 -12.39 5.84
N SER A 191 -11.90 -11.26 6.53
CA SER A 191 -12.03 -9.96 5.88
C SER A 191 -10.71 -9.47 5.32
N LEU A 192 -9.60 -9.81 5.99
CA LEU A 192 -8.29 -9.37 5.52
C LEU A 192 -7.96 -9.91 4.13
N LEU A 193 -8.42 -11.12 3.82
CA LEU A 193 -8.14 -11.71 2.51
C LEU A 193 -8.79 -10.89 1.40
N TYR A 194 -10.04 -10.48 1.60
CA TYR A 194 -10.72 -9.68 0.60
C TYR A 194 -10.15 -8.27 0.54
N ASN A 195 -9.61 -7.77 1.65
CA ASN A 195 -8.88 -6.51 1.59
C ASN A 195 -7.65 -6.65 0.69
N ASN A 196 -6.89 -7.73 0.87
CA ASN A 196 -5.73 -7.98 0.03
C ASN A 196 -6.14 -8.13 -1.44
N ASN A 197 -7.28 -8.77 -1.68
CA ASN A 197 -7.80 -8.91 -3.03
C ASN A 197 -8.08 -7.55 -3.65
N THR A 198 -8.83 -6.70 -2.95
CA THR A 198 -9.22 -5.43 -3.53
C THR A 198 -8.09 -4.41 -3.58
N MET A 199 -6.95 -4.68 -2.92
CA MET A 199 -5.79 -3.81 -3.10
C MET A 199 -4.98 -4.17 -4.33
N SER A 200 -5.01 -5.43 -4.78
CA SER A 200 -4.30 -5.83 -5.98
C SER A 200 -4.99 -5.38 -7.26
N ILE A 201 -6.19 -4.81 -7.17
CA ILE A 201 -6.92 -4.35 -8.34
C ILE A 201 -6.59 -2.88 -8.65
N ILE A 202 -6.17 -2.12 -7.65
CA ILE A 202 -5.90 -0.70 -7.85
C ILE A 202 -4.56 -0.50 -8.54
N GLU A 203 -3.51 -1.15 -8.03
CA GLU A 203 -2.18 -0.98 -8.61
C GLU A 203 -2.14 -1.46 -10.05
N GLU A 204 -2.63 -2.67 -10.30
CA GLU A 204 -2.64 -3.20 -11.66
C GLU A 204 -3.50 -2.36 -12.60
N ALA A 205 -4.47 -1.62 -12.08
CA ALA A 205 -5.28 -0.75 -12.91
C ALA A 205 -4.58 0.57 -13.21
N LEU A 206 -3.78 1.08 -12.26
CA LEU A 206 -3.11 2.35 -12.45
C LEU A 206 -1.81 2.22 -13.24
N MET A 207 -1.13 1.08 -13.15
CA MET A 207 0.08 0.88 -13.94
C MET A 207 -0.24 0.66 -15.41
N GLY A 208 -1.38 0.02 -15.70
CA GLY A 208 -1.77 -0.31 -17.06
C GLY A 208 -2.92 0.55 -17.57
N ILE A 209 -2.88 1.83 -17.23
CA ILE A 209 -3.96 2.73 -17.61
C ILE A 209 -4.01 2.90 -19.13
N ARG A 210 -2.86 2.79 -19.80
CA ARG A 210 -2.82 2.96 -21.24
C ARG A 210 -3.59 1.88 -21.98
N THR A 211 -3.64 0.67 -21.41
CA THR A 211 -4.40 -0.43 -22.01
C THR A 211 -5.88 -0.36 -21.65
N VAL A 212 -6.17 -0.08 -20.38
CA VAL A 212 -7.55 0.08 -19.92
C VAL A 212 -8.25 1.17 -20.72
N ALA A 213 -7.56 2.28 -20.95
CA ALA A 213 -8.16 3.38 -21.70
C ALA A 213 -8.35 3.00 -23.16
N SER A 214 -7.47 2.17 -23.71
CA SER A 214 -7.53 1.85 -25.13
C SER A 214 -8.60 0.82 -25.44
N TYR A 215 -8.82 -0.15 -24.55
CA TYR A 215 -9.80 -1.21 -24.78
C TYR A 215 -11.13 -0.98 -24.07
N CYS A 216 -11.30 0.14 -23.36
CA CYS A 216 -12.55 0.46 -22.68
C CYS A 216 -12.97 -0.65 -21.73
N GLY A 217 -12.09 -0.93 -20.76
CA GLY A 217 -12.35 -1.91 -19.72
C GLY A 217 -12.33 -1.29 -18.34
N GLU A 218 -12.69 -0.01 -18.26
CA GLU A 218 -12.75 0.72 -17.00
C GLU A 218 -14.13 0.68 -16.36
N LYS A 219 -14.93 -0.35 -16.67
CA LYS A 219 -16.20 -0.61 -16.03
C LYS A 219 -16.21 -2.02 -15.46
N THR A 220 -15.48 -2.93 -16.10
CA THR A 220 -15.32 -4.28 -15.59
C THR A 220 -14.58 -4.30 -14.26
N ILE A 221 -13.73 -3.31 -14.01
CA ILE A 221 -12.96 -3.25 -12.77
C ILE A 221 -13.82 -2.76 -11.61
N LEU A 222 -14.76 -1.86 -11.90
CA LEU A 222 -15.62 -1.33 -10.84
C LEU A 222 -16.46 -2.44 -10.22
N ASN A 223 -16.94 -3.38 -11.04
CA ASN A 223 -17.77 -4.46 -10.52
C ASN A 223 -16.98 -5.36 -9.58
N LYS A 224 -15.74 -5.69 -9.95
CA LYS A 224 -14.88 -6.48 -9.07
C LYS A 224 -14.62 -5.74 -7.77
N PHE A 225 -14.31 -4.45 -7.87
CA PHE A 225 -14.07 -3.62 -6.69
C PHE A 225 -15.28 -3.65 -5.74
N ASN A 226 -16.47 -3.47 -6.31
CA ASN A 226 -17.67 -3.39 -5.49
C ASN A 226 -18.02 -4.73 -4.87
N LEU A 227 -17.84 -5.83 -5.60
CA LEU A 227 -18.06 -7.15 -5.01
C LEU A 227 -17.10 -7.41 -3.86
N SER A 228 -15.82 -7.10 -4.06
CA SER A 228 -14.83 -7.37 -3.02
C SER A 228 -15.06 -6.49 -1.79
N GLU A 229 -15.62 -5.29 -1.97
CA GLU A 229 -15.96 -4.47 -0.81
C GLU A 229 -17.25 -4.91 -0.14
N THR A 230 -18.19 -5.46 -0.92
CA THR A 230 -19.46 -5.89 -0.37
C THR A 230 -19.30 -7.14 0.47
N PHE A 231 -18.46 -8.08 0.03
CA PHE A 231 -18.17 -9.23 0.88
C PHE A 231 -17.30 -8.89 2.09
N TYR A 232 -16.78 -7.66 2.17
CA TYR A 232 -15.92 -7.21 3.26
C TYR A 232 -16.69 -6.47 4.35
N SER A 233 -17.57 -5.55 3.94
CA SER A 233 -18.39 -4.82 4.90
C SER A 233 -19.25 -5.76 5.73
N LYS A 234 -19.77 -6.82 5.11
CA LYS A 234 -20.61 -7.78 5.81
C LYS A 234 -19.84 -8.43 6.97
N TYR A 235 -18.64 -8.93 6.70
CA TYR A 235 -17.90 -9.65 7.72
C TYR A 235 -17.36 -8.70 8.78
N ILE A 236 -16.96 -7.48 8.41
CA ILE A 236 -16.45 -6.58 9.44
C ILE A 236 -17.58 -6.12 10.36
N LEU A 237 -18.77 -5.88 9.79
CA LEU A 237 -19.91 -5.53 10.62
C LEU A 237 -20.33 -6.70 11.51
N LYS A 238 -20.24 -7.92 10.99
CA LYS A 238 -20.52 -9.09 11.81
C LYS A 238 -19.51 -9.24 12.93
N ALA A 239 -18.28 -8.77 12.73
CA ALA A 239 -17.27 -8.88 13.77
C ALA A 239 -17.44 -7.84 14.86
N ASN A 240 -17.77 -6.59 14.48
CA ASN A 240 -17.84 -5.52 15.47
C ASN A 240 -19.21 -5.42 16.16
N PHE A 241 -20.01 -6.49 16.13
CA PHE A 241 -21.25 -6.57 16.88
C PHE A 241 -21.02 -7.19 18.26
N VAL A 242 -20.23 -8.24 18.32
CA VAL A 242 -19.92 -8.91 19.58
C VAL A 242 -19.26 -7.95 20.57
N GLU A 243 -18.39 -7.08 20.06
CA GLU A 243 -17.67 -6.16 20.93
C GLU A 243 -18.60 -5.12 21.53
N ALA A 244 -19.70 -4.81 20.86
CA ALA A 244 -20.72 -3.94 21.43
C ALA A 244 -21.59 -4.65 22.46
N LEU A 245 -21.62 -5.98 22.43
CA LEU A 245 -22.40 -6.74 23.39
C LEU A 245 -21.61 -6.98 24.68
N HIS A 246 -20.31 -7.24 24.54
CA HIS A 246 -19.46 -7.55 25.70
C HIS A 246 -19.48 -6.42 26.72
N ILE A 247 -19.15 -5.21 26.29
CA ILE A 247 -19.05 -4.08 27.21
C ILE A 247 -20.42 -3.65 27.69
N GLY A 248 -21.46 -3.81 26.86
CA GLY A 248 -22.81 -3.54 27.31
C GLY A 248 -23.30 -4.52 28.37
N LEU A 249 -22.77 -5.74 28.36
CA LEU A 249 -23.15 -6.76 29.33
C LEU A 249 -22.41 -6.63 30.65
N ILE A 250 -21.13 -6.25 30.61
CA ILE A 250 -20.38 -6.07 31.85
C ILE A 250 -21.04 -5.02 32.75
N ASN A 251 -21.51 -3.91 32.16
CA ASN A 251 -22.14 -2.87 32.95
C ASN A 251 -23.38 -3.38 33.67
N GLY A 252 -24.20 -4.16 32.97
CA GLY A 252 -25.39 -4.71 33.59
C GLY A 252 -25.06 -5.64 34.73
N LEU A 253 -24.06 -6.50 34.55
CA LEU A 253 -23.66 -7.39 35.65
C LEU A 253 -23.20 -6.59 36.87
N ILE A 254 -22.44 -5.52 36.63
CA ILE A 254 -21.96 -4.70 37.73
C ILE A 254 -23.12 -4.06 38.48
N LEU A 255 -24.09 -3.53 37.76
CA LEU A 255 -25.23 -2.91 38.43
C LEU A 255 -26.09 -3.93 39.17
N VAL A 256 -26.23 -5.15 38.65
CA VAL A 256 -26.96 -6.19 39.38
C VAL A 256 -26.26 -6.52 40.69
N SER A 257 -24.93 -6.61 40.65
CA SER A 257 -24.18 -6.86 41.88
C SER A 257 -24.38 -5.73 42.88
N TYR A 258 -24.38 -4.49 42.40
CA TYR A 258 -24.60 -3.35 43.28
C TYR A 258 -26.00 -3.40 43.89
N ALA A 259 -26.99 -3.88 43.12
CA ALA A 259 -28.33 -4.03 43.65
C ALA A 259 -28.37 -5.04 44.78
N PHE A 260 -27.71 -6.18 44.61
CA PHE A 260 -27.61 -7.15 45.69
C PHE A 260 -26.95 -6.53 46.92
N GLY A 261 -25.92 -5.71 46.70
CA GLY A 261 -25.26 -5.07 47.83
C GLY A 261 -26.18 -4.13 48.59
N PHE A 262 -26.94 -3.30 47.86
CA PHE A 262 -27.91 -2.40 48.49
C PHE A 262 -28.97 -3.18 49.27
N TRP A 263 -29.46 -4.28 48.68
CA TRP A 263 -30.45 -5.10 49.37
C TRP A 263 -29.90 -5.66 50.67
N TYR A 264 -28.67 -6.15 50.64
CA TYR A 264 -28.06 -6.66 51.87
C TYR A 264 -27.81 -5.53 52.86
N GLY A 265 -27.58 -4.31 52.37
CA GLY A 265 -27.29 -3.20 53.26
C GLY A 265 -28.50 -2.73 54.03
N THR A 266 -29.68 -2.77 53.41
CA THR A 266 -30.89 -2.35 54.13
C THR A 266 -31.26 -3.28 55.27
N ARG A 267 -30.68 -4.49 55.32
CA ARG A 267 -31.05 -5.46 56.35
C ARG A 267 -30.66 -4.96 57.74
N ILE A 268 -29.41 -4.50 57.90
CA ILE A 268 -28.97 -4.02 59.20
C ILE A 268 -29.77 -2.80 59.62
N ILE A 269 -30.21 -1.99 58.67
CA ILE A 269 -31.05 -0.84 59.00
C ILE A 269 -32.38 -1.30 59.57
N ILE A 270 -33.05 -2.22 58.87
CA ILE A 270 -34.35 -2.67 59.37
C ILE A 270 -34.20 -3.41 60.69
N ASN A 271 -33.04 -4.03 60.94
CA ASN A 271 -32.80 -4.62 62.25
C ASN A 271 -32.68 -3.55 63.32
N SER A 272 -31.73 -2.64 63.17
CA SER A 272 -31.39 -1.72 64.24
C SER A 272 -32.50 -0.70 64.48
N ALA A 273 -32.95 -0.02 63.43
CA ALA A 273 -33.94 1.04 63.59
C ALA A 273 -35.27 0.55 64.13
N THR A 274 -35.55 -0.75 64.05
CA THR A 274 -36.76 -1.34 64.61
C THR A 274 -36.54 -1.90 66.02
N ASN A 275 -35.57 -2.79 66.19
CA ASN A 275 -35.33 -3.45 67.47
C ASN A 275 -34.56 -2.58 68.46
N GLN A 276 -34.19 -1.36 68.08
CA GLN A 276 -33.48 -0.45 68.98
C GLN A 276 -33.87 1.00 68.70
N GLY A 284 -30.03 10.59 58.02
CA GLY A 284 -28.96 9.92 57.30
C GLY A 284 -28.36 8.78 58.10
N ALA A 285 -27.26 8.22 57.58
CA ALA A 285 -26.60 7.10 58.22
C ALA A 285 -25.27 6.86 57.51
N SER A 286 -24.35 6.19 58.21
CA SER A 286 -23.04 5.91 57.66
C SER A 286 -23.10 4.93 56.50
N VAL A 287 -24.10 4.03 56.51
CA VAL A 287 -24.22 3.03 55.45
C VAL A 287 -24.44 3.70 54.11
N ILE A 288 -25.22 4.79 54.08
CA ILE A 288 -25.44 5.52 52.85
C ILE A 288 -24.13 6.08 52.32
N SER A 289 -23.29 6.58 53.22
CA SER A 289 -21.99 7.10 52.82
C SER A 289 -21.11 5.99 52.25
N ILE A 290 -21.13 4.83 52.88
CA ILE A 290 -20.34 3.70 52.40
C ILE A 290 -20.77 3.32 50.98
N LEU A 291 -22.08 3.26 50.74
CA LEU A 291 -22.56 2.86 49.42
C LEU A 291 -22.26 3.93 48.38
N LEU A 292 -22.40 5.21 48.75
CA LEU A 292 -22.06 6.28 47.82
C LEU A 292 -20.57 6.28 47.50
N GLY A 293 -19.74 5.83 48.44
CA GLY A 293 -18.32 5.66 48.14
C GLY A 293 -18.05 4.47 47.23
N VAL A 294 -18.84 3.41 47.37
CA VAL A 294 -18.68 2.25 46.49
C VAL A 294 -19.10 2.58 45.06
N LEU A 295 -20.09 3.45 44.89
CA LEU A 295 -20.59 3.77 43.56
C LEU A 295 -19.49 4.34 42.65
N ILE A 296 -18.61 5.18 43.21
CA ILE A 296 -17.60 5.84 42.41
C ILE A 296 -16.61 4.81 41.84
N SER A 297 -16.35 3.74 42.59
CA SER A 297 -15.47 2.70 42.10
C SER A 297 -16.02 2.05 40.84
N MET A 298 -17.32 1.76 40.83
CA MET A 298 -17.94 1.17 39.64
C MET A 298 -17.93 2.17 38.50
N PHE A 299 -18.12 3.45 38.81
CA PHE A 299 -18.05 4.47 37.76
C PHE A 299 -16.66 4.56 37.16
N MET A 300 -15.62 4.24 37.93
CA MET A 300 -14.27 4.23 37.37
C MET A 300 -14.03 2.98 36.53
N LEU A 301 -14.57 1.84 36.99
CA LEU A 301 -14.48 0.62 36.20
C LEU A 301 -15.20 0.78 34.87
N THR A 302 -16.23 1.63 34.82
CA THR A 302 -16.90 1.92 33.56
C THR A 302 -15.94 2.54 32.55
N ILE A 303 -14.98 3.32 33.01
CA ILE A 303 -14.04 3.99 32.12
C ILE A 303 -12.83 3.11 31.82
N ILE A 304 -12.39 2.29 32.76
CA ILE A 304 -11.18 1.51 32.56
C ILE A 304 -11.38 0.45 31.48
N LEU A 305 -12.33 -0.47 31.71
CA LEU A 305 -12.51 -1.68 30.91
C LEU A 305 -12.58 -1.51 29.39
N PRO A 306 -13.18 -0.47 28.82
CA PRO A 306 -13.18 -0.32 27.36
C PRO A 306 -11.85 0.12 26.77
N ASN A 307 -10.75 0.13 27.54
CA ASN A 307 -9.42 0.32 27.02
C ASN A 307 -8.50 -0.87 27.27
N ILE A 308 -8.98 -1.91 27.97
CA ILE A 308 -8.19 -3.13 28.12
C ILE A 308 -8.22 -3.93 26.83
N THR A 309 -9.37 -3.97 26.16
CA THR A 309 -9.50 -4.74 24.94
C THR A 309 -8.60 -4.21 23.84
N GLU A 310 -8.61 -2.89 23.63
CA GLU A 310 -7.78 -2.30 22.59
C GLU A 310 -6.29 -2.48 22.86
N TYR A 311 -5.89 -2.72 24.10
CA TYR A 311 -4.51 -3.08 24.37
C TYR A 311 -4.27 -4.58 24.13
N MET A 312 -5.27 -5.41 24.40
CA MET A 312 -5.13 -6.84 24.13
C MET A 312 -5.30 -7.18 22.65
N LYS A 313 -5.74 -6.23 21.82
CA LYS A 313 -5.73 -6.42 20.38
C LYS A 313 -4.36 -6.19 19.78
N ALA A 314 -3.50 -5.41 20.46
CA ALA A 314 -2.21 -5.06 19.90
C ALA A 314 -1.18 -6.17 20.05
N LEU A 315 -1.30 -6.97 21.11
CA LEU A 315 -0.34 -8.05 21.34
C LEU A 315 -0.35 -9.05 20.20
N GLU A 316 -1.54 -9.44 19.74
CA GLU A 316 -1.63 -10.40 18.64
C GLU A 316 -1.06 -9.82 17.36
N ALA A 317 -1.31 -8.54 17.10
CA ALA A 317 -0.81 -7.90 15.88
C ALA A 317 0.71 -7.84 15.87
N THR A 318 1.30 -7.35 16.96
CA THR A 318 2.76 -7.30 17.01
C THR A 318 3.36 -8.70 17.01
N ASN A 319 2.67 -9.68 17.59
CA ASN A 319 3.12 -11.06 17.49
C ASN A 319 3.20 -11.50 16.04
N SER A 320 2.15 -11.21 15.28
CA SER A 320 2.14 -11.59 13.87
C SER A 320 3.21 -10.86 13.08
N LEU A 321 3.55 -9.63 13.48
CA LEU A 321 4.63 -8.92 12.80
C LEU A 321 5.99 -9.54 13.12
N TYR A 322 6.25 -9.83 14.40
CA TYR A 322 7.49 -10.52 14.76
C TYR A 322 7.58 -11.90 14.12
N GLU A 323 6.45 -12.52 13.80
CA GLU A 323 6.49 -13.81 13.12
C GLU A 323 7.08 -13.67 11.73
N ILE A 324 6.77 -12.57 11.04
CA ILE A 324 7.33 -12.35 9.71
C ILE A 324 8.76 -11.85 9.81
N ILE A 325 9.06 -11.02 10.81
CA ILE A 325 10.41 -10.49 10.94
C ILE A 325 11.41 -11.60 11.27
N ASN A 326 10.96 -12.64 11.97
CA ASN A 326 11.83 -13.75 12.36
C ASN A 326 11.69 -14.95 11.40
N ARG A 327 11.47 -14.68 10.13
CA ARG A 327 11.44 -15.72 9.12
C ARG A 327 12.86 -16.14 8.76
N LYS A 328 13.01 -17.42 8.40
CA LYS A 328 14.30 -18.00 8.03
C LYS A 328 14.19 -18.66 6.67
N PRO A 329 14.64 -18.03 5.58
CA PRO A 329 14.43 -18.63 4.25
C PRO A 329 15.43 -19.76 4.01
N LEU A 330 15.33 -20.34 2.81
CA LEU A 330 16.20 -21.47 2.46
C LEU A 330 17.56 -21.00 2.01
N VAL A 331 17.61 -20.00 1.14
CA VAL A 331 18.85 -19.42 0.64
C VAL A 331 19.19 -18.22 1.51
N GLU A 332 20.07 -18.42 2.48
CA GLU A 332 20.43 -17.37 3.42
C GLU A 332 21.58 -16.54 2.88
N ASN A 333 21.47 -15.23 3.00
CA ASN A 333 22.53 -14.30 2.60
C ASN A 333 23.40 -13.93 3.80
N ASN A 334 24.00 -14.96 4.40
CA ASN A 334 24.89 -14.78 5.54
C ASN A 334 26.26 -14.33 5.04
N ASP A 335 27.24 -14.29 5.95
CA ASP A 335 28.64 -14.02 5.64
C ASP A 335 29.51 -15.24 5.87
N ASP A 336 28.93 -16.44 5.75
CA ASP A 336 29.63 -17.69 6.01
C ASP A 336 30.22 -18.32 4.75
N GLY A 337 30.25 -17.59 3.63
CA GLY A 337 30.71 -18.13 2.37
C GLY A 337 32.20 -18.25 2.28
N GLU A 338 32.73 -18.09 1.06
CA GLU A 338 34.13 -18.22 0.76
C GLU A 338 34.56 -17.08 -0.16
N THR A 339 35.87 -16.98 -0.39
CA THR A 339 36.44 -15.97 -1.26
C THR A 339 37.57 -16.61 -2.06
N LEU A 340 37.32 -16.86 -3.35
CA LEU A 340 38.30 -17.47 -4.24
C LEU A 340 39.11 -16.40 -4.94
N PRO A 341 40.27 -16.76 -5.53
CA PRO A 341 41.05 -15.75 -6.27
C PRO A 341 40.34 -15.25 -7.52
N ASN A 342 39.90 -16.19 -8.35
CA ASN A 342 39.32 -15.85 -9.65
C ASN A 342 38.35 -16.95 -10.06
N ILE A 343 37.70 -16.76 -11.20
CA ILE A 343 36.58 -17.58 -11.64
C ILE A 343 37.00 -18.41 -12.85
N LYS A 344 36.71 -19.71 -12.80
CA LYS A 344 36.93 -20.60 -13.92
C LYS A 344 35.97 -21.78 -13.85
N LYS A 345 35.56 -22.25 -15.03
CA LYS A 345 34.93 -23.55 -15.23
C LYS A 345 33.64 -23.69 -14.41
N ILE A 346 32.64 -22.91 -14.81
CA ILE A 346 31.27 -23.21 -14.42
C ILE A 346 30.84 -24.50 -15.13
N GLU A 347 30.07 -25.34 -14.44
CA GLU A 347 29.79 -26.68 -14.94
C GLU A 347 28.49 -27.20 -14.33
N PHE A 348 27.47 -27.36 -15.16
CA PHE A 348 26.25 -28.06 -14.75
C PHE A 348 26.46 -29.56 -14.88
N LYS A 349 25.75 -30.32 -14.05
CA LYS A 349 25.91 -31.77 -14.02
C LYS A 349 24.57 -32.38 -13.59
N ASN A 350 23.77 -32.80 -14.56
CA ASN A 350 22.51 -33.50 -14.33
C ASN A 350 21.56 -32.66 -13.46
N VAL A 351 21.15 -31.54 -14.04
CA VAL A 351 20.32 -30.56 -13.35
C VAL A 351 18.85 -30.84 -13.64
N ARG A 352 18.01 -30.59 -12.64
CA ARG A 352 16.56 -30.69 -12.78
C ARG A 352 15.94 -29.52 -12.03
N PHE A 353 14.73 -29.14 -12.43
CA PHE A 353 14.08 -28.00 -11.80
C PHE A 353 12.62 -27.94 -12.20
N HIS A 354 11.77 -27.54 -11.25
CA HIS A 354 10.37 -27.24 -11.52
C HIS A 354 9.93 -26.16 -10.54
N TYR A 355 8.84 -25.49 -10.89
CA TYR A 355 8.34 -24.36 -10.11
C TYR A 355 7.35 -24.83 -9.05
N ASP A 356 7.10 -23.94 -8.08
CA ASP A 356 6.33 -24.30 -6.90
C ASP A 356 4.83 -24.29 -7.18
N THR A 357 4.36 -23.32 -7.96
CA THR A 357 2.93 -23.25 -8.26
C THR A 357 2.49 -24.45 -9.09
N ARG A 358 3.22 -24.74 -10.18
CA ARG A 358 2.91 -25.85 -11.07
C ARG A 358 3.86 -26.99 -10.74
N LYS A 359 3.52 -27.75 -9.70
CA LYS A 359 4.39 -28.84 -9.26
C LYS A 359 4.44 -29.99 -10.25
N ASP A 360 3.46 -30.11 -11.14
CA ASP A 360 3.35 -31.22 -12.08
C ASP A 360 3.77 -30.82 -13.49
N VAL A 361 4.72 -29.90 -13.63
CA VAL A 361 5.15 -29.41 -14.93
C VAL A 361 6.68 -29.36 -14.90
N GLU A 362 7.31 -30.35 -15.54
CA GLU A 362 8.76 -30.45 -15.60
C GLU A 362 9.29 -29.73 -16.83
N ILE A 363 10.52 -29.23 -16.73
CA ILE A 363 11.13 -28.41 -17.77
C ILE A 363 12.40 -29.04 -18.31
N TYR A 364 13.25 -29.58 -17.44
CA TYR A 364 14.60 -30.01 -17.80
C TYR A 364 14.72 -31.52 -17.65
N LYS A 365 15.43 -32.14 -18.60
CA LYS A 365 15.66 -33.58 -18.58
C LYS A 365 17.05 -33.96 -18.08
N ASP A 366 18.10 -33.55 -18.80
CA ASP A 366 19.48 -33.93 -18.49
C ASP A 366 20.44 -32.77 -18.77
N LEU A 367 20.07 -31.56 -18.35
CA LEU A 367 20.84 -30.38 -18.69
C LEU A 367 22.25 -30.44 -18.12
N SER A 368 23.25 -30.23 -18.97
CA SER A 368 24.65 -30.29 -18.56
C SER A 368 25.53 -29.73 -19.68
N PHE A 369 26.54 -28.96 -19.29
CA PHE A 369 27.51 -28.40 -20.23
C PHE A 369 28.69 -27.85 -19.43
N THR A 370 29.59 -27.13 -20.10
CA THR A 370 30.78 -26.57 -19.49
C THR A 370 31.11 -25.24 -20.17
N LEU A 371 31.71 -24.34 -19.41
CA LEU A 371 32.05 -23.00 -19.89
C LEU A 371 33.41 -22.58 -19.34
N LYS A 372 34.31 -22.16 -20.23
CA LYS A 372 35.64 -21.69 -19.87
C LYS A 372 35.71 -20.17 -20.03
N GLU A 373 36.85 -19.61 -19.66
CA GLU A 373 37.07 -18.16 -19.68
C GLU A 373 37.68 -17.73 -21.00
N GLY A 374 37.46 -16.46 -21.36
CA GLY A 374 38.03 -15.90 -22.56
C GLY A 374 37.34 -16.31 -23.84
N LYS A 375 36.03 -16.57 -23.79
CA LYS A 375 35.30 -17.06 -24.94
C LYS A 375 33.89 -16.48 -24.92
N THR A 376 33.22 -16.57 -26.07
CA THR A 376 31.83 -16.15 -26.21
C THR A 376 30.95 -17.37 -26.44
N TYR A 377 29.69 -17.24 -26.05
CA TYR A 377 28.74 -18.35 -26.08
C TYR A 377 27.37 -17.82 -26.49
N ALA A 378 26.47 -18.76 -26.77
CA ALA A 378 25.15 -18.40 -27.29
C ALA A 378 24.17 -19.52 -26.98
N PHE A 379 22.88 -19.15 -26.92
CA PHE A 379 21.79 -20.06 -26.66
C PHE A 379 20.67 -19.79 -27.66
N VAL A 380 20.09 -20.86 -28.19
CA VAL A 380 19.06 -20.77 -29.23
C VAL A 380 18.00 -21.81 -28.94
N GLY A 381 16.75 -21.46 -29.21
CA GLY A 381 15.66 -22.40 -29.00
C GLY A 381 14.31 -21.73 -29.18
N GLU A 382 13.28 -22.46 -28.79
CA GLU A 382 11.91 -21.99 -28.89
C GLU A 382 11.62 -21.01 -27.74
N SER A 383 10.37 -20.60 -27.60
CA SER A 383 9.98 -19.51 -26.70
C SER A 383 9.47 -20.00 -25.35
N GLY A 384 9.71 -21.26 -25.00
CA GLY A 384 9.22 -21.81 -23.74
C GLY A 384 10.16 -22.79 -23.08
N CYS A 385 11.47 -22.64 -23.32
CA CYS A 385 12.42 -23.72 -23.04
C CYS A 385 13.06 -23.65 -21.67
N GLY A 386 13.59 -22.49 -21.25
CA GLY A 386 14.37 -22.44 -20.04
C GLY A 386 15.55 -21.47 -20.02
N LYS A 387 15.73 -20.69 -21.08
CA LYS A 387 16.88 -19.80 -21.17
C LYS A 387 16.92 -18.81 -20.00
N SER A 388 15.89 -17.97 -19.88
CA SER A 388 15.84 -17.03 -18.76
C SER A 388 15.78 -17.74 -17.43
N THR A 389 15.25 -18.96 -17.39
CA THR A 389 15.29 -19.74 -16.17
C THR A 389 16.72 -20.10 -15.79
N ILE A 390 17.56 -20.44 -16.77
CA ILE A 390 18.99 -20.63 -16.50
C ILE A 390 19.60 -19.34 -16.00
N LEU A 391 19.26 -18.21 -16.64
CA LEU A 391 19.77 -16.92 -16.22
C LEU A 391 19.47 -16.65 -14.74
N LYS A 392 18.25 -16.98 -14.30
CA LYS A 392 17.89 -16.81 -12.91
C LYS A 392 18.47 -17.90 -12.01
N LEU A 393 18.87 -19.03 -12.58
CA LEU A 393 19.36 -20.15 -11.79
C LEU A 393 20.87 -20.05 -11.54
N ILE A 394 21.61 -19.35 -12.39
CA ILE A 394 23.02 -19.08 -12.11
C ILE A 394 23.16 -18.24 -10.85
N GLU A 395 22.42 -17.13 -10.80
CA GLU A 395 22.60 -16.12 -9.76
C GLU A 395 22.00 -16.54 -8.42
N ARG A 396 21.43 -17.73 -8.32
CA ARG A 396 20.96 -18.29 -7.05
C ARG A 396 19.79 -17.46 -6.50
N LEU A 397 18.85 -17.13 -7.39
CA LEU A 397 17.51 -16.78 -6.95
C LEU A 397 16.79 -18.02 -6.46
N TYR A 398 16.99 -19.14 -7.15
CA TYR A 398 16.45 -20.44 -6.84
C TYR A 398 17.61 -21.42 -6.67
N ASP A 399 17.29 -22.67 -6.37
CA ASP A 399 18.26 -23.73 -6.25
C ASP A 399 17.81 -24.91 -7.11
N PRO A 400 18.73 -25.83 -7.47
CA PRO A 400 18.30 -27.02 -8.21
C PRO A 400 17.49 -27.97 -7.35
N THR A 401 17.14 -29.13 -7.90
CA THR A 401 16.48 -30.20 -7.17
C THR A 401 17.30 -31.47 -7.08
N GLU A 402 18.12 -31.77 -8.08
CA GLU A 402 18.94 -32.99 -8.09
C GLU A 402 20.38 -32.79 -8.50
N GLY A 403 20.72 -31.74 -9.22
CA GLY A 403 22.06 -31.53 -9.76
C GLY A 403 22.90 -30.60 -8.92
N ASP A 404 23.83 -29.91 -9.58
CA ASP A 404 24.77 -29.02 -8.90
C ASP A 404 25.51 -28.20 -9.95
N ILE A 405 25.99 -27.04 -9.51
CA ILE A 405 26.54 -26.00 -10.38
C ILE A 405 27.99 -25.75 -9.95
N ILE A 406 28.71 -26.84 -9.67
CA ILE A 406 30.10 -26.83 -9.24
C ILE A 406 30.93 -25.81 -10.02
N VAL A 407 31.66 -24.97 -9.28
CA VAL A 407 32.47 -23.89 -9.85
C VAL A 407 33.94 -24.25 -9.64
N ASN A 408 34.71 -24.19 -10.73
CA ASN A 408 36.16 -24.41 -10.67
C ASN A 408 36.50 -25.79 -10.12
N ASP A 409 35.62 -26.77 -10.39
CA ASP A 409 35.78 -28.22 -10.14
C ASP A 409 36.26 -28.55 -8.72
N SER A 410 36.11 -27.63 -7.76
CA SER A 410 36.41 -27.94 -6.37
C SER A 410 35.49 -27.23 -5.38
N HIS A 411 34.46 -26.53 -5.84
CA HIS A 411 33.62 -25.71 -4.98
C HIS A 411 32.20 -25.70 -5.55
N ASN A 412 31.20 -25.82 -4.68
CA ASN A 412 29.81 -25.77 -5.08
C ASN A 412 29.25 -24.38 -4.83
N LEU A 413 28.23 -24.03 -5.62
CA LEU A 413 27.67 -22.68 -5.55
C LEU A 413 26.92 -22.42 -4.25
N LYS A 414 26.46 -23.46 -3.56
CA LYS A 414 25.78 -23.32 -2.29
C LYS A 414 26.74 -23.25 -1.10
N ASP A 415 28.01 -22.94 -1.35
CA ASP A 415 29.00 -22.75 -0.30
C ASP A 415 29.83 -21.49 -0.49
N ILE A 416 29.55 -20.69 -1.52
CA ILE A 416 30.33 -19.49 -1.84
C ILE A 416 29.53 -18.28 -1.40
N ASN A 417 30.24 -17.23 -1.01
CA ASN A 417 29.60 -16.01 -0.51
C ASN A 417 28.77 -15.37 -1.62
N LEU A 418 27.49 -15.15 -1.33
CA LEU A 418 26.58 -14.66 -2.35
C LEU A 418 26.91 -13.22 -2.72
N LYS A 419 27.32 -12.41 -1.74
CA LYS A 419 27.65 -11.03 -2.01
C LYS A 419 28.87 -10.92 -2.91
N TRP A 420 29.92 -11.68 -2.63
CA TRP A 420 31.11 -11.64 -3.47
C TRP A 420 30.83 -12.21 -4.86
N TRP A 421 30.02 -13.25 -4.94
CA TRP A 421 29.67 -13.82 -6.25
C TRP A 421 28.91 -12.80 -7.09
N ARG A 422 27.94 -12.12 -6.50
CA ARG A 422 27.20 -11.08 -7.19
C ARG A 422 28.00 -9.79 -7.34
N SER A 423 29.20 -9.71 -6.75
CA SER A 423 30.07 -8.56 -6.92
C SER A 423 30.85 -8.56 -8.23
N LYS A 424 30.55 -9.48 -9.15
CA LYS A 424 31.31 -9.63 -10.38
C LYS A 424 30.47 -9.81 -11.63
N ILE A 425 29.15 -9.92 -11.51
CA ILE A 425 28.28 -10.26 -12.63
C ILE A 425 27.57 -9.01 -13.11
N GLY A 426 27.54 -8.82 -14.43
CA GLY A 426 26.76 -7.77 -15.06
C GLY A 426 25.63 -8.40 -15.85
N VAL A 427 24.43 -7.82 -15.70
CA VAL A 427 23.21 -8.41 -16.22
C VAL A 427 22.48 -7.38 -17.06
N VAL A 428 21.97 -7.81 -18.21
CA VAL A 428 21.00 -7.06 -19.00
C VAL A 428 19.84 -8.00 -19.24
N SER A 429 18.70 -7.69 -18.64
CA SER A 429 17.56 -8.60 -18.58
C SER A 429 16.60 -8.37 -19.74
N GLN A 430 15.65 -9.29 -19.87
CA GLN A 430 14.67 -9.23 -20.95
C GLN A 430 13.67 -8.09 -20.75
N ASP A 431 13.59 -7.53 -19.55
CA ASP A 431 12.71 -6.40 -19.25
C ASP A 431 13.50 -5.36 -18.47
N PRO A 432 13.93 -4.24 -19.08
CA PRO A 432 14.74 -3.28 -18.33
C PRO A 432 13.91 -2.58 -17.26
N LEU A 433 14.54 -2.34 -16.11
CA LEU A 433 13.87 -1.79 -14.94
C LEU A 433 14.75 -0.71 -14.35
N LEU A 434 14.40 0.54 -14.61
CA LEU A 434 15.14 1.70 -14.14
C LEU A 434 14.33 2.45 -13.09
N PHE A 435 15.04 3.14 -12.21
CA PHE A 435 14.40 3.97 -11.20
C PHE A 435 14.10 5.35 -11.78
N SER A 436 13.56 6.24 -10.94
CA SER A 436 12.95 7.49 -11.40
C SER A 436 13.56 8.69 -10.68
N ASN A 437 14.89 8.77 -10.65
CA ASN A 437 15.60 9.91 -10.09
C ASN A 437 16.43 10.66 -11.13
N SER A 438 17.32 9.99 -11.84
CA SER A 438 18.21 10.64 -12.80
C SER A 438 18.96 9.55 -13.56
N ILE A 439 19.79 9.99 -14.50
CA ILE A 439 20.54 9.08 -15.35
C ILE A 439 21.89 8.72 -14.74
N LYS A 440 22.63 9.73 -14.29
CA LYS A 440 23.97 9.48 -13.77
C LYS A 440 23.93 8.70 -12.46
N ASN A 441 22.93 8.95 -11.62
CA ASN A 441 22.82 8.17 -10.39
C ASN A 441 22.48 6.72 -10.70
N ASN A 442 21.58 6.49 -11.67
CA ASN A 442 21.27 5.12 -12.08
C ASN A 442 22.50 4.42 -12.64
N ILE A 443 23.39 5.17 -13.31
CA ILE A 443 24.59 4.55 -13.86
C ILE A 443 25.65 4.33 -12.78
N LYS A 444 25.68 5.19 -11.76
CA LYS A 444 26.65 5.06 -10.68
C LYS A 444 26.24 4.06 -9.62
N TYR A 445 24.96 3.68 -9.56
CA TYR A 445 24.52 2.68 -8.58
C TYR A 445 25.23 1.34 -8.71
N SER A 446 25.89 1.07 -9.84
CA SER A 446 26.59 -0.20 -10.00
C SER A 446 27.75 -0.33 -9.03
N LEU A 447 28.33 0.77 -8.58
CA LEU A 447 29.58 0.75 -7.82
C LEU A 447 29.38 0.70 -6.31
N TYR A 448 28.18 0.95 -5.81
CA TYR A 448 27.98 1.01 -4.37
C TYR A 448 28.28 -0.33 -3.71
N SER A 449 27.86 -1.43 -4.33
CA SER A 449 28.08 -2.74 -3.74
C SER A 449 29.56 -3.14 -3.70
N LEU A 450 30.39 -2.50 -4.52
CA LEU A 450 31.83 -2.75 -4.50
C LEU A 450 32.55 -1.86 -3.49
N LYS A 451 32.19 -0.58 -3.45
CA LYS A 451 32.77 0.32 -2.46
C LYS A 451 32.42 -0.13 -1.04
N ASP A 452 31.20 -0.64 -0.85
CA ASP A 452 30.82 -1.15 0.46
C ASP A 452 31.66 -2.36 0.86
N LEU A 453 32.07 -3.16 -0.12
CA LEU A 453 32.99 -4.26 0.17
C LEU A 453 34.38 -3.74 0.50
N GLU A 454 34.81 -2.67 -0.18
CA GLU A 454 36.12 -2.11 0.10
C GLU A 454 36.20 -1.54 1.51
N ALA A 455 35.20 -0.75 1.90
CA ALA A 455 35.26 -0.01 3.15
C ALA A 455 34.84 -0.85 4.36
N MET A 456 33.60 -1.34 4.35
CA MET A 456 33.01 -1.95 5.53
C MET A 456 33.74 -3.21 5.98
N GLU A 457 34.52 -3.83 5.10
CA GLU A 457 35.33 -5.01 5.43
C GLU A 457 36.78 -4.66 5.71
N ASN A 458 37.10 -3.38 5.91
CA ASN A 458 38.44 -2.92 6.23
C ASN A 458 38.60 -2.57 7.71
N TYR A 459 37.63 -1.88 8.28
CA TYR A 459 37.68 -1.46 9.68
C TYR A 459 36.29 -1.45 10.30
N LEU A 486 30.41 5.13 10.12
CA LEU A 486 30.36 4.32 8.92
C LEU A 486 31.18 4.96 7.81
N GLU A 487 32.14 4.21 7.27
CA GLU A 487 32.99 4.68 6.18
C GLU A 487 32.33 4.53 4.81
N MET A 488 31.08 4.06 4.74
CA MET A 488 30.43 3.78 3.47
C MET A 488 29.73 5.00 2.89
N LYS A 489 28.99 5.74 3.72
CA LYS A 489 28.14 6.82 3.22
C LYS A 489 28.94 7.97 2.62
N LYS A 490 30.23 8.08 2.92
CA LYS A 490 31.05 9.21 2.47
C LYS A 490 31.83 8.91 1.20
N GLU A 491 32.27 7.67 1.01
CA GLU A 491 33.07 7.33 -0.16
C GLU A 491 32.25 7.25 -1.44
N TYR A 492 30.92 7.30 -1.36
CA TYR A 492 30.11 7.33 -2.57
C TYR A 492 30.34 8.60 -3.37
N GLN A 493 30.85 9.66 -2.74
CA GLN A 493 31.25 10.86 -3.45
C GLN A 493 32.54 10.65 -4.24
N THR A 494 33.33 9.64 -3.90
CA THR A 494 34.57 9.38 -4.62
C THR A 494 34.32 9.05 -6.08
N ILE A 495 33.14 8.50 -6.40
CA ILE A 495 32.81 8.15 -7.77
C ILE A 495 32.70 9.46 -8.56
N LYS A 496 33.66 9.70 -9.44
CA LYS A 496 33.71 10.93 -10.21
C LYS A 496 32.89 10.79 -11.49
N ASP A 497 32.69 11.92 -12.17
CA ASP A 497 31.89 12.00 -13.38
C ASP A 497 32.72 11.82 -14.64
N SER A 498 33.81 11.06 -14.56
CA SER A 498 34.67 10.79 -15.71
C SER A 498 34.36 9.45 -16.38
N ASP A 499 33.96 8.44 -15.59
CA ASP A 499 33.61 7.15 -16.17
C ASP A 499 32.21 7.17 -16.79
N VAL A 500 31.30 7.98 -16.25
CA VAL A 500 29.97 8.11 -16.85
C VAL A 500 30.10 8.64 -18.28
N VAL A 501 31.01 9.59 -18.49
CA VAL A 501 31.12 10.23 -19.80
C VAL A 501 31.58 9.23 -20.84
N ASP A 502 32.68 8.52 -20.57
CA ASP A 502 33.19 7.62 -21.60
C ASP A 502 32.34 6.36 -21.74
N VAL A 503 31.76 5.85 -20.65
CA VAL A 503 30.86 4.71 -20.80
C VAL A 503 29.57 5.11 -21.51
N SER A 504 29.22 6.40 -21.50
CA SER A 504 28.14 6.88 -22.37
C SER A 504 28.60 7.04 -23.81
N LYS A 505 29.86 7.42 -24.01
CA LYS A 505 30.41 7.47 -25.37
C LYS A 505 30.38 6.09 -26.01
N LYS A 506 30.62 5.05 -25.22
CA LYS A 506 30.77 3.70 -25.77
C LYS A 506 29.45 3.05 -26.17
N VAL A 507 28.31 3.69 -25.95
CA VAL A 507 27.00 3.14 -26.32
C VAL A 507 26.21 4.11 -27.20
N LEU A 508 26.87 5.11 -27.79
CA LEU A 508 26.26 5.99 -28.80
C LEU A 508 25.06 6.77 -28.23
N ILE A 509 25.06 7.00 -26.92
CA ILE A 509 24.07 7.87 -26.27
C ILE A 509 24.66 9.22 -25.88
N HIS A 510 25.99 9.39 -25.97
CA HIS A 510 26.61 10.65 -25.56
C HIS A 510 26.14 11.82 -26.40
N ASP A 511 25.73 11.57 -27.65
CA ASP A 511 25.30 12.66 -28.51
C ASP A 511 23.91 13.17 -28.13
N PHE A 512 22.96 12.27 -27.90
CA PHE A 512 21.61 12.69 -27.56
C PHE A 512 21.57 13.30 -26.16
N VAL A 513 22.26 12.69 -25.21
CA VAL A 513 22.26 13.19 -23.84
C VAL A 513 22.94 14.54 -23.73
N SER A 514 23.75 14.92 -24.72
CA SER A 514 24.45 16.21 -24.72
C SER A 514 23.68 17.32 -25.42
N SER A 515 22.53 17.00 -26.03
CA SER A 515 21.76 17.97 -26.78
C SER A 515 20.62 18.60 -26.01
N LEU A 516 20.08 17.90 -25.02
CA LEU A 516 18.96 18.40 -24.22
C LEU A 516 19.46 19.14 -23.00
N PRO A 517 18.65 20.01 -22.40
CA PRO A 517 19.07 20.65 -21.15
C PRO A 517 19.15 19.62 -20.02
N ASP A 518 19.96 19.94 -19.01
CA ASP A 518 20.20 19.04 -17.88
C ASP A 518 20.74 17.70 -18.38
N LYS A 519 21.96 17.79 -18.90
CA LYS A 519 22.61 16.67 -19.61
C LYS A 519 22.54 15.38 -18.81
N TYR A 520 23.15 15.37 -17.62
CA TYR A 520 23.18 14.21 -16.73
C TYR A 520 22.43 14.47 -15.43
N ASP A 521 21.46 15.38 -15.45
CA ASP A 521 20.70 15.75 -14.27
C ASP A 521 19.19 15.68 -14.46
N THR A 522 18.71 15.61 -15.70
CA THR A 522 17.28 15.44 -15.93
C THR A 522 16.83 14.07 -15.40
N LEU A 523 15.55 14.00 -15.05
CA LEU A 523 14.98 12.85 -14.37
C LEU A 523 14.05 12.08 -15.30
N VAL A 524 13.94 10.78 -15.05
CA VAL A 524 13.07 9.88 -15.80
C VAL A 524 11.86 9.55 -14.94
N GLY A 525 10.71 9.41 -15.58
CA GLY A 525 9.46 9.19 -14.86
C GLY A 525 9.35 7.82 -14.23
N SER A 526 8.13 7.45 -13.85
CA SER A 526 7.88 6.14 -13.25
C SER A 526 8.07 5.06 -14.30
N ASN A 527 8.94 4.09 -13.99
CA ASN A 527 9.30 3.03 -14.94
C ASN A 527 9.97 3.60 -16.19
N ALA A 528 10.55 4.79 -16.09
CA ALA A 528 11.20 5.47 -17.20
C ALA A 528 10.24 5.62 -18.39
N SER A 529 9.04 6.12 -18.10
CA SER A 529 8.03 6.31 -19.12
C SER A 529 8.30 7.52 -20.01
N LYS A 530 9.30 8.34 -19.68
CA LYS A 530 9.65 9.51 -20.48
C LYS A 530 10.53 9.14 -21.66
N LEU A 531 11.47 8.22 -21.46
CA LEU A 531 12.41 7.82 -22.49
C LEU A 531 11.74 6.82 -23.43
N SER A 532 12.52 6.21 -24.32
CA SER A 532 12.06 5.18 -25.24
C SER A 532 12.79 3.87 -24.94
N GLY A 533 12.53 2.85 -25.77
CA GLY A 533 13.00 1.52 -25.46
C GLY A 533 14.50 1.37 -25.67
N GLY A 534 14.98 1.71 -26.86
CA GLY A 534 16.40 1.61 -27.14
C GLY A 534 17.24 2.45 -26.19
N GLN A 535 16.72 3.61 -25.79
CA GLN A 535 17.41 4.45 -24.83
C GLN A 535 17.61 3.71 -23.51
N LYS A 536 16.55 3.08 -23.01
CA LYS A 536 16.64 2.34 -21.76
C LYS A 536 17.59 1.16 -21.89
N GLN A 537 17.58 0.49 -23.05
CA GLN A 537 18.53 -0.60 -23.28
C GLN A 537 19.96 -0.10 -23.21
N ARG A 538 20.22 1.06 -23.81
CA ARG A 538 21.57 1.61 -23.79
C ARG A 538 21.99 2.01 -22.39
N ILE A 539 21.06 2.59 -21.62
CA ILE A 539 21.35 2.94 -20.22
C ILE A 539 21.70 1.70 -19.42
N SER A 540 20.94 0.62 -19.61
CA SER A 540 21.22 -0.59 -18.85
C SER A 540 22.54 -1.21 -19.25
N ILE A 541 22.87 -1.17 -20.55
CA ILE A 541 24.15 -1.70 -21.02
C ILE A 541 25.29 -0.89 -20.40
N ALA A 542 25.15 0.43 -20.37
CA ALA A 542 26.16 1.27 -19.76
C ALA A 542 26.31 0.96 -18.27
N ARG A 543 25.18 0.78 -17.59
CA ARG A 543 25.21 0.41 -16.18
C ARG A 543 25.90 -0.92 -15.95
N ALA A 544 25.83 -1.82 -16.94
CA ALA A 544 26.49 -3.11 -16.81
C ALA A 544 27.98 -3.04 -17.11
N ILE A 545 28.40 -2.17 -18.02
CA ILE A 545 29.80 -2.11 -18.41
C ILE A 545 30.64 -1.38 -17.36
N MET A 546 30.04 -0.47 -16.60
CA MET A 546 30.81 0.46 -15.78
C MET A 546 31.62 -0.25 -14.70
N ARG A 547 31.13 -1.39 -14.20
CA ARG A 547 31.77 -2.07 -13.08
C ARG A 547 32.83 -3.09 -13.51
N ASN A 548 33.05 -3.26 -14.83
CA ASN A 548 34.05 -4.18 -15.36
C ASN A 548 33.83 -5.58 -14.81
N PRO A 549 32.73 -6.24 -15.18
CA PRO A 549 32.44 -7.55 -14.60
C PRO A 549 33.24 -8.67 -15.26
N LYS A 550 33.45 -9.73 -14.48
CA LYS A 550 34.10 -10.92 -15.02
C LYS A 550 33.12 -11.73 -15.87
N ILE A 551 31.85 -11.75 -15.47
CA ILE A 551 30.79 -12.46 -16.17
C ILE A 551 29.77 -11.43 -16.63
N LEU A 552 29.34 -11.56 -17.88
CA LEU A 552 28.33 -10.70 -18.47
C LEU A 552 27.24 -11.57 -19.09
N ILE A 553 25.99 -11.20 -18.86
CA ILE A 553 24.83 -11.96 -19.34
C ILE A 553 23.88 -10.99 -20.02
N LEU A 554 23.76 -11.11 -21.34
CA LEU A 554 22.89 -10.27 -22.14
C LEU A 554 21.71 -11.12 -22.62
N ASP A 555 20.49 -10.70 -22.27
CA ASP A 555 19.27 -11.44 -22.58
C ASP A 555 18.38 -10.56 -23.46
N GLN A 556 18.57 -10.66 -24.77
CA GLN A 556 17.82 -9.89 -25.75
C GLN A 556 17.95 -8.39 -25.49
N ALA A 557 19.20 -7.93 -25.56
CA ALA A 557 19.51 -6.53 -25.31
C ALA A 557 19.41 -5.67 -26.56
N THR A 558 19.60 -6.26 -27.74
CA THR A 558 19.57 -5.55 -29.01
C THR A 558 18.26 -5.81 -29.75
N SER A 559 17.16 -5.92 -29.00
CA SER A 559 15.88 -6.27 -29.60
C SER A 559 15.21 -5.07 -30.27
N SER A 560 15.38 -3.88 -29.72
CA SER A 560 14.71 -2.67 -30.21
C SER A 560 15.72 -1.66 -30.76
N LEU A 561 16.70 -2.15 -31.52
CA LEU A 561 17.74 -1.32 -32.10
C LEU A 561 17.98 -1.72 -33.54
N ASP A 562 18.24 -0.73 -34.38
CA ASP A 562 18.43 -0.97 -35.80
C ASP A 562 19.74 -1.73 -36.05
N ASN A 563 20.00 -2.03 -37.32
CA ASN A 563 21.12 -2.90 -37.66
C ASN A 563 22.46 -2.18 -37.46
N LYS A 564 22.54 -0.91 -37.87
CA LYS A 564 23.82 -0.20 -37.83
C LYS A 564 24.29 0.01 -36.40
N SER A 565 23.41 0.53 -35.54
CA SER A 565 23.80 0.77 -34.15
C SER A 565 24.12 -0.54 -33.45
N GLU A 566 23.37 -1.60 -33.77
CA GLU A 566 23.65 -2.91 -33.18
C GLU A 566 25.04 -3.39 -33.58
N TYR A 567 25.38 -3.27 -34.87
CA TYR A 567 26.70 -3.68 -35.33
C TYR A 567 27.80 -2.87 -34.65
N LEU A 568 27.60 -1.56 -34.52
CA LEU A 568 28.62 -0.72 -33.89
C LEU A 568 28.77 -1.05 -32.40
N VAL A 569 27.67 -1.26 -31.70
CA VAL A 569 27.74 -1.61 -30.29
C VAL A 569 28.40 -2.97 -30.10
N GLN A 570 28.13 -3.91 -30.99
CA GLN A 570 28.77 -5.21 -30.89
C GLN A 570 30.26 -5.10 -31.13
N LYS A 571 30.65 -4.28 -32.12
CA LYS A 571 32.07 -4.03 -32.37
C LYS A 571 32.72 -3.35 -31.17
N THR A 572 31.97 -2.55 -30.44
CA THR A 572 32.52 -1.90 -29.25
C THR A 572 32.70 -2.90 -28.11
N ILE A 573 31.72 -3.80 -27.93
CA ILE A 573 31.76 -4.71 -26.79
C ILE A 573 32.79 -5.81 -27.00
N ASN A 574 32.92 -6.31 -28.23
CA ASN A 574 33.82 -7.44 -28.47
C ASN A 574 35.30 -7.04 -28.51
N ASN A 575 35.62 -5.76 -28.25
CA ASN A 575 37.00 -5.30 -28.16
C ASN A 575 37.24 -4.47 -26.91
N LEU A 576 36.40 -4.62 -25.89
CA LEU A 576 36.55 -3.85 -24.67
C LEU A 576 37.76 -4.34 -23.88
N LYS A 577 38.31 -3.46 -23.04
CA LYS A 577 39.45 -3.82 -22.22
C LYS A 577 39.08 -4.95 -21.25
N GLY A 578 40.08 -5.76 -20.90
CA GLY A 578 39.84 -6.90 -20.04
C GLY A 578 39.15 -8.07 -20.71
N ASN A 579 38.94 -8.01 -22.02
CA ASN A 579 38.26 -9.10 -22.72
C ASN A 579 39.11 -10.35 -22.84
N GLU A 580 40.42 -10.28 -22.56
CA GLU A 580 41.25 -11.47 -22.58
C GLU A 580 40.84 -12.49 -21.52
N ASN A 581 40.09 -12.07 -20.49
CA ASN A 581 39.64 -12.99 -19.44
C ASN A 581 38.26 -12.53 -18.94
N ARG A 582 37.22 -13.10 -19.53
CA ARG A 582 35.85 -12.86 -19.09
C ARG A 582 34.97 -13.90 -19.78
N ILE A 583 33.72 -13.94 -19.35
CA ILE A 583 32.73 -14.90 -19.86
C ILE A 583 31.47 -14.12 -20.20
N THR A 584 31.21 -13.94 -21.48
CA THR A 584 29.99 -13.28 -21.96
C THR A 584 29.01 -14.33 -22.47
N ILE A 585 27.73 -14.14 -22.16
CA ILE A 585 26.68 -15.08 -22.51
C ILE A 585 25.58 -14.29 -23.19
N ILE A 586 25.44 -14.49 -24.50
CA ILE A 586 24.47 -13.78 -25.32
C ILE A 586 23.26 -14.68 -25.51
N ILE A 587 22.07 -14.09 -25.47
CA ILE A 587 20.84 -14.77 -25.83
C ILE A 587 20.13 -13.92 -26.87
N ALA A 588 19.77 -14.52 -27.99
CA ALA A 588 19.24 -13.77 -29.11
C ALA A 588 18.41 -14.68 -30.01
N HIS A 589 17.47 -14.07 -30.72
CA HIS A 589 16.66 -14.74 -31.74
C HIS A 589 17.13 -14.45 -33.15
N ARG A 590 17.56 -13.23 -33.43
CA ARG A 590 18.19 -12.92 -34.71
C ARG A 590 19.58 -13.54 -34.71
N LEU A 591 19.78 -14.55 -35.57
CA LEU A 591 21.01 -15.33 -35.55
C LEU A 591 22.17 -14.65 -36.26
N SER A 592 21.99 -13.41 -36.74
CA SER A 592 23.09 -12.71 -37.40
C SER A 592 24.12 -12.18 -36.40
N THR A 593 23.67 -11.86 -35.18
CA THR A 593 24.56 -11.27 -34.18
C THR A 593 25.51 -12.26 -33.54
N ILE A 594 25.29 -13.57 -33.74
CA ILE A 594 26.11 -14.60 -33.12
C ILE A 594 26.84 -15.42 -34.18
N ARG A 595 27.18 -14.79 -35.30
CA ARG A 595 27.88 -15.52 -36.35
C ARG A 595 29.25 -15.97 -35.87
N TYR A 596 29.93 -15.14 -35.09
CA TYR A 596 31.21 -15.50 -34.48
C TYR A 596 30.93 -15.94 -33.04
N ALA A 597 31.31 -17.17 -32.72
CA ALA A 597 31.14 -17.68 -31.37
C ALA A 597 31.88 -19.01 -31.26
N ASN A 598 32.57 -19.19 -30.15
CA ASN A 598 33.34 -20.42 -29.93
C ASN A 598 32.43 -21.64 -29.85
N THR A 599 31.17 -21.48 -29.46
CA THR A 599 30.24 -22.59 -29.38
C THR A 599 28.82 -22.03 -29.38
N ILE A 600 27.91 -22.79 -29.99
CA ILE A 600 26.49 -22.44 -30.04
C ILE A 600 25.70 -23.65 -29.55
N PHE A 601 24.86 -23.43 -28.55
CA PHE A 601 24.03 -24.47 -27.96
C PHE A 601 22.61 -24.35 -28.51
N VAL A 602 22.09 -25.45 -29.06
CA VAL A 602 20.73 -25.53 -29.58
C VAL A 602 19.97 -26.58 -28.77
N LEU A 603 18.74 -26.26 -28.40
CA LEU A 603 17.95 -27.09 -27.51
C LEU A 603 16.50 -27.06 -27.94
N SER A 604 15.80 -28.16 -27.65
CA SER A 604 14.42 -28.33 -28.08
C SER A 604 13.70 -29.23 -27.09
N ASN A 605 12.39 -29.38 -27.32
CA ASN A 605 11.51 -30.19 -26.47
C ASN A 605 10.56 -31.01 -27.33
N ARG A 606 11.07 -31.52 -28.45
CA ARG A 606 10.27 -32.32 -29.37
C ARG A 606 11.09 -33.45 -29.97
N ASN A 633 7.46 -34.47 -24.75
CA ASN A 633 6.72 -33.41 -24.09
C ASN A 633 6.84 -33.55 -22.57
N GLU A 634 8.07 -33.77 -22.08
CA GLU A 634 8.32 -33.87 -20.65
C GLU A 634 9.61 -33.17 -20.22
N GLY A 635 10.27 -32.45 -21.12
CA GLY A 635 11.49 -31.74 -20.75
C GLY A 635 12.34 -31.37 -21.93
N SER A 636 12.94 -30.17 -21.88
CA SER A 636 13.82 -29.72 -22.95
C SER A 636 15.20 -30.34 -22.79
N TYR A 637 15.98 -30.28 -23.86
CA TYR A 637 17.30 -30.88 -23.87
C TYR A 637 18.07 -30.38 -25.08
N ILE A 638 19.39 -30.47 -24.99
CA ILE A 638 20.30 -30.03 -26.04
C ILE A 638 20.32 -31.07 -27.16
N ILE A 639 20.46 -30.59 -28.39
CA ILE A 639 20.48 -31.47 -29.56
C ILE A 639 21.70 -31.25 -30.45
N GLU A 640 22.37 -30.09 -30.41
CA GLU A 640 23.47 -29.80 -31.31
C GLU A 640 24.50 -28.95 -30.60
N GLN A 641 25.76 -29.09 -31.02
CA GLN A 641 26.85 -28.26 -30.53
C GLN A 641 27.85 -28.07 -31.66
N GLY A 642 28.24 -26.83 -31.90
CA GLY A 642 29.19 -26.53 -32.95
C GLY A 642 29.18 -25.06 -33.28
N THR A 643 30.13 -24.68 -34.14
CA THR A 643 30.30 -23.28 -34.52
C THR A 643 29.34 -22.94 -35.66
N HIS A 644 29.45 -21.71 -36.17
CA HIS A 644 28.58 -21.27 -37.25
C HIS A 644 28.81 -22.09 -38.52
N ASP A 645 30.07 -22.28 -38.89
CA ASP A 645 30.38 -22.94 -40.15
C ASP A 645 30.18 -24.45 -40.08
N SER A 646 30.48 -25.07 -38.93
CA SER A 646 30.41 -26.51 -38.79
C SER A 646 29.04 -27.01 -38.30
N LEU A 647 27.99 -26.20 -38.49
CA LEU A 647 26.64 -26.55 -38.04
C LEU A 647 25.62 -26.53 -39.17
N MET A 648 25.67 -25.52 -40.05
CA MET A 648 24.68 -25.41 -41.12
C MET A 648 24.94 -26.40 -42.25
N LYS A 649 26.21 -26.65 -42.57
CA LYS A 649 26.56 -27.55 -43.65
C LYS A 649 26.56 -29.02 -43.24
N ASN A 650 26.50 -29.32 -41.94
CA ASN A 650 26.65 -30.70 -41.49
C ASN A 650 25.46 -31.55 -41.93
N LYS A 651 24.27 -31.22 -41.45
CA LYS A 651 23.07 -31.99 -41.68
C LYS A 651 21.91 -31.03 -41.98
N ASN A 652 20.76 -31.59 -42.33
CA ASN A 652 19.54 -30.82 -42.54
C ASN A 652 18.74 -30.74 -41.24
N GLY A 653 19.38 -30.16 -40.22
CA GLY A 653 18.78 -30.03 -38.91
C GLY A 653 17.91 -28.80 -38.79
N ILE A 654 17.65 -28.41 -37.54
CA ILE A 654 16.81 -27.25 -37.29
C ILE A 654 17.54 -25.96 -37.60
N TYR A 655 18.85 -25.92 -37.30
CA TYR A 655 19.63 -24.71 -37.52
C TYR A 655 19.69 -24.36 -39.01
N HIS A 656 19.82 -25.37 -39.87
CA HIS A 656 19.83 -25.12 -41.30
C HIS A 656 18.50 -24.52 -41.75
N LEU A 657 17.39 -25.03 -41.21
CA LEU A 657 16.09 -24.47 -41.55
C LEU A 657 15.96 -23.03 -41.06
N MET A 658 16.50 -22.74 -39.87
CA MET A 658 16.46 -21.38 -39.35
C MET A 658 17.24 -20.42 -40.25
N ILE A 659 18.48 -20.78 -40.59
CA ILE A 659 19.30 -19.87 -41.38
C ILE A 659 18.80 -19.79 -42.82
N ASN A 660 18.10 -20.81 -43.31
CA ASN A 660 17.45 -20.70 -44.62
C ASN A 660 16.21 -19.81 -44.53
N ASN A 661 15.51 -19.84 -43.40
CA ASN A 661 14.38 -18.94 -43.18
C ASN A 661 14.85 -17.48 -43.22
N GLN A 662 15.87 -17.16 -42.42
CA GLN A 662 16.34 -15.79 -42.36
C GLN A 662 17.11 -15.41 -43.62
N LYS A 663 18.21 -16.13 -43.88
CA LYS A 663 19.07 -15.86 -45.03
C LYS A 663 19.58 -14.43 -45.01
N PRO A 740 -11.34 24.92 3.02
CA PRO A 740 -11.42 25.04 4.47
C PRO A 740 -12.74 24.54 5.05
N ASN A 741 -13.83 24.87 4.36
CA ASN A 741 -15.17 24.44 4.75
C ASN A 741 -15.59 23.18 4.00
N ASN A 742 -14.63 22.34 3.62
CA ASN A 742 -14.93 21.14 2.86
C ASN A 742 -15.54 20.04 3.70
N LEU A 743 -15.29 20.03 5.01
CA LEU A 743 -15.82 18.99 5.88
C LEU A 743 -17.34 18.93 5.87
N ARG A 744 -18.00 20.02 5.46
CA ARG A 744 -19.45 20.03 5.31
C ARG A 744 -19.94 18.96 4.35
N ILE A 745 -19.08 18.49 3.44
CA ILE A 745 -19.48 17.42 2.53
C ILE A 745 -19.73 16.13 3.29
N ILE A 746 -19.03 15.92 4.42
CA ILE A 746 -19.15 14.67 5.14
C ILE A 746 -20.41 14.66 6.01
N TYR A 747 -20.63 15.75 6.74
CA TYR A 747 -21.78 15.82 7.64
C TYR A 747 -23.09 15.71 6.86
N LYS A 748 -23.13 16.28 5.65
CA LYS A 748 -24.31 16.15 4.80
C LYS A 748 -24.63 14.69 4.50
N GLU A 749 -23.61 13.83 4.43
CA GLU A 749 -23.82 12.41 4.22
C GLU A 749 -24.23 11.72 5.51
N ILE A 750 -23.85 12.25 6.67
CA ILE A 750 -24.18 11.59 7.94
C ILE A 750 -25.63 11.87 8.31
N PHE A 751 -26.11 13.09 8.05
CA PHE A 751 -27.49 13.45 8.35
C PHE A 751 -28.42 13.14 7.19
N SER A 752 -28.34 11.90 6.70
CA SER A 752 -29.25 11.37 5.70
C SER A 752 -29.83 10.02 6.07
N TYR A 753 -29.11 9.21 6.86
CA TYR A 753 -29.64 7.94 7.35
C TYR A 753 -30.40 8.26 8.62
N LYS A 754 -31.70 8.53 8.46
CA LYS A 754 -32.47 9.18 9.51
C LYS A 754 -32.87 8.23 10.64
N LYS A 755 -33.10 6.95 10.34
CA LYS A 755 -33.45 6.00 11.37
C LYS A 755 -32.25 5.42 12.09
N ASP A 756 -31.03 5.63 11.57
CA ASP A 756 -29.82 5.21 12.24
C ASP A 756 -29.29 6.25 13.22
N VAL A 757 -29.46 7.53 12.92
CA VAL A 757 -29.07 8.60 13.85
C VAL A 757 -30.09 8.82 14.95
N THR A 758 -31.30 8.26 14.82
CA THR A 758 -32.34 8.45 15.84
C THR A 758 -32.15 7.48 16.99
N ILE A 759 -31.91 6.21 16.66
CA ILE A 759 -31.76 5.18 17.69
C ILE A 759 -30.53 5.48 18.54
N ILE A 760 -29.43 5.87 17.91
CA ILE A 760 -28.21 6.18 18.65
C ILE A 760 -28.46 7.38 19.57
N PHE A 761 -29.28 8.34 19.13
CA PHE A 761 -29.59 9.49 19.97
C PHE A 761 -30.39 9.07 21.20
N PHE A 762 -31.46 8.32 21.00
CA PHE A 762 -32.27 7.88 22.14
C PHE A 762 -31.54 6.89 23.02
N SER A 763 -30.47 6.25 22.54
CA SER A 763 -29.65 5.40 23.38
C SER A 763 -28.58 6.17 24.15
N ILE A 764 -27.99 7.19 23.53
CA ILE A 764 -27.07 8.07 24.26
C ILE A 764 -27.81 8.80 25.36
N LEU A 765 -29.07 9.20 25.11
CA LEU A 765 -29.83 9.91 26.12
C LEU A 765 -30.07 9.05 27.35
N VAL A 766 -30.16 7.73 27.17
CA VAL A 766 -30.43 6.82 28.29
C VAL A 766 -29.14 6.37 28.96
N ALA A 767 -28.08 6.11 28.18
CA ALA A 767 -26.82 5.66 28.77
C ALA A 767 -26.03 6.79 29.39
N GLY A 768 -26.24 8.03 28.95
CA GLY A 768 -25.53 9.15 29.53
C GLY A 768 -25.99 9.43 30.94
N GLY A 769 -27.21 9.93 31.09
CA GLY A 769 -27.75 10.18 32.41
C GLY A 769 -28.57 9.03 32.95
N LEU A 770 -27.90 8.14 33.68
CA LEU A 770 -28.56 7.24 34.60
C LEU A 770 -27.72 6.97 35.85
N TYR A 771 -26.53 7.56 35.96
CA TYR A 771 -25.73 7.57 37.17
C TYR A 771 -26.17 8.67 38.13
N PRO A 772 -26.36 9.93 37.69
CA PRO A 772 -26.83 10.95 38.63
C PRO A 772 -28.27 10.74 39.09
N VAL A 773 -29.07 9.96 38.36
CA VAL A 773 -30.45 9.74 38.76
C VAL A 773 -30.51 8.95 40.07
N PHE A 774 -29.46 8.17 40.35
CA PHE A 774 -29.31 7.53 41.65
C PHE A 774 -29.45 8.52 42.80
N ALA A 775 -29.07 9.78 42.59
CA ALA A 775 -29.22 10.80 43.62
C ALA A 775 -30.66 10.92 44.09
N LEU A 776 -31.64 10.72 43.20
CA LEU A 776 -33.03 10.66 43.66
C LEU A 776 -33.25 9.46 44.55
N LEU A 777 -32.80 8.28 44.09
CA LEU A 777 -33.14 7.01 44.73
C LEU A 777 -32.72 6.97 46.19
N TYR A 778 -31.63 7.66 46.53
CA TYR A 778 -31.22 7.73 47.93
C TYR A 778 -32.07 8.74 48.69
N ALA A 779 -32.26 9.93 48.12
CA ALA A 779 -32.96 11.01 48.81
C ALA A 779 -34.35 10.57 49.25
N ARG A 780 -35.20 10.20 48.29
CA ARG A 780 -36.54 9.74 48.59
C ARG A 780 -36.55 8.50 49.47
N TYR A 781 -35.43 7.76 49.53
CA TYR A 781 -35.32 6.65 50.46
C TYR A 781 -34.98 7.16 51.86
N VAL A 782 -33.98 8.04 51.96
CA VAL A 782 -33.55 8.53 53.27
C VAL A 782 -34.64 9.38 53.90
N SER A 783 -35.49 10.00 53.09
CA SER A 783 -36.61 10.76 53.62
C SER A 783 -37.66 9.88 54.31
N THR A 784 -37.63 8.56 54.07
CA THR A 784 -38.65 7.64 54.55
C THR A 784 -38.04 6.54 55.42
N LEU A 785 -37.15 6.92 56.32
CA LEU A 785 -36.53 5.99 57.26
C LEU A 785 -37.21 5.98 58.62
N PHE A 786 -37.46 7.15 59.18
CA PHE A 786 -38.16 7.27 60.47
C PHE A 786 -39.66 7.41 60.28
N ASP A 787 -40.23 6.52 59.48
CA ASP A 787 -41.67 6.36 59.30
C ASP A 787 -41.98 4.87 59.26
N PHE A 788 -41.42 4.14 60.21
CA PHE A 788 -41.31 2.68 60.13
C PHE A 788 -42.70 2.03 60.23
N ALA A 789 -42.70 0.71 60.24
CA ALA A 789 -43.85 -0.21 60.10
C ALA A 789 -44.23 -0.39 58.63
N ASN A 790 -43.58 0.30 57.69
CA ASN A 790 -43.77 0.04 56.26
C ASN A 790 -42.45 0.15 55.51
N LEU A 791 -41.34 -0.18 56.17
CA LEU A 791 -40.01 0.02 55.60
C LEU A 791 -39.65 -1.10 54.62
N GLU A 792 -40.08 -2.32 54.92
CA GLU A 792 -39.71 -3.46 54.08
C GLU A 792 -40.27 -3.33 52.67
N TYR A 793 -41.45 -2.73 52.54
CA TYR A 793 -42.03 -2.48 51.22
C TYR A 793 -41.13 -1.59 50.37
N ASN A 794 -40.71 -0.45 50.93
CA ASN A 794 -39.80 0.44 50.22
C ASN A 794 -38.47 -0.25 49.92
N SER A 795 -37.97 -1.04 50.88
CA SER A 795 -36.69 -1.70 50.69
C SER A 795 -36.74 -2.70 49.55
N ASN A 796 -37.86 -3.41 49.40
CA ASN A 796 -38.03 -4.31 48.27
C ASN A 796 -38.34 -3.56 46.98
N LYS A 797 -38.89 -2.35 47.08
CA LYS A 797 -39.25 -1.56 45.92
C LYS A 797 -38.02 -0.98 45.22
N TYR A 798 -37.12 -0.37 45.98
CA TYR A 798 -36.02 0.35 45.36
C TYR A 798 -34.98 -0.59 44.76
N SER A 799 -34.79 -1.77 45.35
CA SER A 799 -33.91 -2.77 44.73
C SER A 799 -34.43 -3.18 43.36
N ILE A 800 -35.74 -3.36 43.23
CA ILE A 800 -36.33 -3.71 41.95
C ILE A 800 -36.15 -2.55 40.97
N TYR A 801 -36.26 -1.31 41.45
CA TYR A 801 -35.96 -0.17 40.58
C TYR A 801 -34.52 -0.23 40.07
N ILE A 802 -33.58 -0.60 40.94
CA ILE A 802 -32.18 -0.72 40.51
C ILE A 802 -32.04 -1.79 39.45
N LEU A 803 -32.77 -2.90 39.59
CA LEU A 803 -32.74 -3.95 38.57
C LEU A 803 -33.27 -3.42 37.24
N LEU A 804 -34.36 -2.65 37.29
CA LEU A 804 -34.92 -2.08 36.07
C LEU A 804 -33.94 -1.13 35.40
N ILE A 805 -33.10 -0.45 36.19
CA ILE A 805 -32.08 0.41 35.60
C ILE A 805 -30.96 -0.42 34.99
N ALA A 806 -30.60 -1.53 35.64
CA ALA A 806 -29.53 -2.37 35.14
C ALA A 806 -29.89 -2.98 33.80
N ILE A 807 -31.12 -3.44 33.63
CA ILE A 807 -31.51 -4.04 32.36
C ILE A 807 -31.63 -3.03 31.23
N ALA A 808 -31.67 -1.73 31.55
CA ALA A 808 -31.69 -0.67 30.53
C ALA A 808 -30.32 -0.15 30.18
N MET A 809 -29.35 -0.29 31.09
CA MET A 809 -27.96 0.01 30.74
C MET A 809 -27.49 -0.81 29.54
N PHE A 810 -27.82 -2.10 29.54
CA PHE A 810 -27.32 -3.06 28.55
C PHE A 810 -27.71 -2.66 27.12
N ILE A 811 -29.01 -2.52 26.88
CA ILE A 811 -29.52 -2.27 25.55
C ILE A 811 -28.97 -0.95 25.02
N SER A 812 -28.96 0.07 25.87
CA SER A 812 -28.49 1.39 25.46
C SER A 812 -27.02 1.33 25.06
N GLU A 813 -26.18 0.69 25.88
CA GLU A 813 -24.76 0.63 25.56
C GLU A 813 -24.51 -0.10 24.25
N THR A 814 -25.13 -1.28 24.07
CA THR A 814 -24.78 -2.07 22.90
C THR A 814 -25.31 -1.43 21.62
N LEU A 815 -26.51 -0.85 21.66
CA LEU A 815 -27.01 -0.13 20.49
C LEU A 815 -26.27 1.18 20.25
N LYS A 816 -25.62 1.75 21.27
CA LYS A 816 -24.78 2.92 21.06
C LYS A 816 -23.48 2.54 20.38
N ASN A 817 -22.92 1.38 20.75
CA ASN A 817 -21.60 1.02 20.27
C ASN A 817 -21.63 0.35 18.90
N TYR A 818 -22.75 -0.28 18.52
CA TYR A 818 -22.80 -0.93 17.20
C TYR A 818 -23.12 0.05 16.08
N TYR A 819 -24.16 0.88 16.25
CA TYR A 819 -24.57 1.77 15.17
C TYR A 819 -23.55 2.85 14.88
N ASN A 820 -22.64 3.13 15.82
CA ASN A 820 -21.48 3.97 15.52
C ASN A 820 -20.71 3.45 14.32
N ASN A 821 -20.22 2.22 14.42
CA ASN A 821 -19.45 1.62 13.34
C ASN A 821 -20.33 1.41 12.11
N LYS A 822 -21.61 1.07 12.31
CA LYS A 822 -22.51 0.90 11.18
C LYS A 822 -22.65 2.19 10.38
N ILE A 823 -22.61 3.34 11.05
CA ILE A 823 -22.70 4.62 10.35
C ILE A 823 -21.38 4.96 9.69
N GLY A 824 -20.26 4.63 10.34
CA GLY A 824 -18.97 5.01 9.80
C GLY A 824 -18.59 4.23 8.55
N GLU A 825 -18.87 2.93 8.53
CA GLU A 825 -18.52 2.09 7.38
C GLU A 825 -19.22 2.58 6.11
N LYS A 826 -20.45 3.06 6.24
CA LYS A 826 -21.24 3.47 5.09
C LYS A 826 -20.77 4.79 4.51
N VAL A 827 -20.08 5.61 5.31
CA VAL A 827 -19.40 6.78 4.78
C VAL A 827 -18.10 6.38 4.11
N GLU A 828 -17.38 5.46 4.74
CA GLU A 828 -16.11 4.97 4.20
C GLU A 828 -16.29 4.42 2.79
N LYS A 829 -17.34 3.62 2.58
CA LYS A 829 -17.54 2.96 1.28
C LYS A 829 -17.73 3.99 0.16
N THR A 830 -18.61 4.95 0.37
CA THR A 830 -18.87 5.95 -0.66
C THR A 830 -17.64 6.80 -0.93
N MET A 831 -16.98 7.27 0.13
CA MET A 831 -15.80 8.11 -0.07
C MET A 831 -14.66 7.33 -0.72
N LYS A 832 -14.62 6.02 -0.56
CA LYS A 832 -13.62 5.21 -1.23
C LYS A 832 -13.96 5.01 -2.69
N ARG A 833 -15.25 4.83 -3.00
CA ARG A 833 -15.65 4.55 -4.37
C ARG A 833 -15.49 5.78 -5.26
N ARG A 834 -15.93 6.95 -4.77
CA ARG A 834 -16.00 8.12 -5.65
C ARG A 834 -14.62 8.56 -6.11
N LEU A 835 -13.63 8.51 -5.22
CA LEU A 835 -12.28 8.94 -5.56
C LEU A 835 -11.68 8.07 -6.65
N PHE A 836 -11.73 6.75 -6.47
CA PHE A 836 -11.20 5.82 -7.45
C PHE A 836 -11.92 5.96 -8.78
N GLU A 837 -13.24 6.12 -8.75
CA GLU A 837 -14.00 6.28 -9.98
C GLU A 837 -13.57 7.53 -10.73
N ASN A 838 -13.42 8.66 -10.03
CA ASN A 838 -12.99 9.88 -10.71
C ASN A 838 -11.59 9.73 -11.27
N ILE A 839 -10.67 9.14 -10.50
CA ILE A 839 -9.29 9.03 -10.96
C ILE A 839 -9.21 8.15 -12.21
N LEU A 840 -10.07 7.14 -12.31
CA LEU A 840 -9.90 6.15 -13.37
C LEU A 840 -10.26 6.69 -14.77
N TYR A 841 -10.85 7.89 -14.86
CA TYR A 841 -11.25 8.46 -16.15
C TYR A 841 -10.38 9.64 -16.58
N GLN A 842 -9.30 9.94 -15.87
CA GLN A 842 -8.49 11.09 -16.20
C GLN A 842 -7.58 10.79 -17.40
N GLU A 843 -6.90 11.83 -17.86
CA GLU A 843 -6.07 11.72 -19.07
C GLU A 843 -4.70 11.14 -18.72
N MET A 844 -3.82 11.11 -19.73
CA MET A 844 -2.49 10.52 -19.55
C MET A 844 -1.49 11.51 -18.98
N SER A 845 -1.63 12.80 -19.32
CA SER A 845 -0.70 13.80 -18.78
C SER A 845 -0.85 13.93 -17.27
N PHE A 846 -2.02 13.62 -16.73
CA PHE A 846 -2.21 13.61 -15.28
C PHE A 846 -1.28 12.62 -14.61
N PHE A 847 -0.98 11.51 -15.28
CA PHE A 847 -0.16 10.45 -14.72
C PHE A 847 1.33 10.62 -15.01
N ASP A 848 1.70 11.56 -15.88
CA ASP A 848 3.10 11.89 -16.10
C ASP A 848 3.63 12.88 -15.08
N GLN A 849 2.78 13.48 -14.26
CA GLN A 849 3.24 14.41 -13.25
C GLN A 849 4.07 13.68 -12.19
N ASP A 850 4.76 14.47 -11.36
CA ASP A 850 5.77 13.92 -10.47
C ASP A 850 5.16 13.36 -9.20
N LYS A 851 4.10 13.99 -8.68
CA LYS A 851 3.53 13.61 -7.39
C LYS A 851 2.38 12.62 -7.50
N ASN A 852 1.67 12.60 -8.62
CA ASN A 852 0.52 11.71 -8.79
C ASN A 852 0.97 10.34 -9.32
N THR A 853 1.80 9.68 -8.53
CA THR A 853 2.36 8.39 -8.90
C THR A 853 1.50 7.25 -8.38
N PRO A 854 1.64 6.05 -8.94
CA PRO A 854 0.78 4.94 -8.52
C PRO A 854 0.98 4.52 -7.08
N GLY A 855 2.15 4.72 -6.51
CA GLY A 855 2.42 4.30 -5.15
C GLY A 855 1.86 5.25 -4.11
N VAL A 856 1.52 6.47 -4.53
CA VAL A 856 1.01 7.48 -3.62
C VAL A 856 -0.51 7.42 -3.51
N LEU A 857 -1.19 7.28 -4.65
CA LEU A 857 -2.66 7.36 -4.67
C LEU A 857 -3.29 6.23 -3.89
N SER A 858 -2.75 5.01 -4.00
CA SER A 858 -3.31 3.87 -3.30
C SER A 858 -3.27 4.07 -1.78
N ALA A 859 -2.17 4.63 -1.29
CA ALA A 859 -2.04 4.87 0.14
C ALA A 859 -3.07 5.88 0.62
N HIS A 860 -3.20 7.00 -0.12
CA HIS A 860 -4.27 7.96 0.13
C HIS A 860 -5.60 7.25 0.28
N ILE A 861 -6.00 6.52 -0.77
CA ILE A 861 -7.31 5.86 -0.83
C ILE A 861 -7.50 5.01 0.43
N ASN A 862 -6.70 3.95 0.56
CA ASN A 862 -6.85 3.00 1.67
C ASN A 862 -6.79 3.68 3.04
N ARG A 863 -5.61 4.21 3.40
CA ARG A 863 -5.41 4.71 4.75
C ARG A 863 -6.32 5.90 5.05
N ASP A 864 -6.23 6.95 4.23
CA ASP A 864 -6.86 8.20 4.55
C ASP A 864 -8.33 8.24 4.18
N VAL A 865 -8.92 7.12 3.74
CA VAL A 865 -10.36 6.96 3.79
C VAL A 865 -10.77 6.06 4.94
N HIS A 866 -9.88 5.18 5.42
CA HIS A 866 -10.24 4.38 6.59
C HIS A 866 -10.21 5.20 7.88
N LEU A 867 -9.38 6.24 7.96
CA LEU A 867 -9.24 6.98 9.22
C LEU A 867 -10.54 7.65 9.67
N LEU A 868 -11.44 7.95 8.74
CA LEU A 868 -12.65 8.70 9.07
C LEU A 868 -13.49 7.95 10.09
N LYS A 869 -13.78 6.66 9.80
CA LYS A 869 -14.64 5.83 10.63
C LYS A 869 -14.23 5.86 12.09
N THR A 870 -12.95 5.70 12.36
CA THR A 870 -12.50 5.73 13.74
C THR A 870 -12.62 7.14 14.26
N GLY A 871 -11.79 8.04 13.73
CA GLY A 871 -11.62 9.32 14.38
C GLY A 871 -12.86 10.19 14.37
N LEU A 872 -13.26 10.60 13.17
CA LEU A 872 -14.21 11.69 13.03
C LEU A 872 -15.60 11.29 13.50
N VAL A 873 -15.89 9.99 13.54
CA VAL A 873 -17.22 9.51 13.88
C VAL A 873 -17.30 8.95 15.30
N ASN A 874 -16.16 8.61 15.94
CA ASN A 874 -16.20 8.21 17.34
C ASN A 874 -16.03 9.40 18.28
N ASN A 875 -15.24 10.40 17.89
CA ASN A 875 -14.99 11.52 18.78
C ASN A 875 -16.28 12.31 19.02
N ILE A 876 -17.12 12.43 17.99
CA ILE A 876 -18.41 13.10 18.13
C ILE A 876 -19.28 12.38 19.16
N VAL A 877 -19.30 11.05 19.11
CA VAL A 877 -20.08 10.28 20.07
C VAL A 877 -19.60 10.55 21.49
N ILE A 878 -18.29 10.62 21.67
CA ILE A 878 -17.73 10.89 22.99
C ILE A 878 -18.19 12.27 23.49
N PHE A 879 -18.07 13.28 22.63
CA PHE A 879 -18.51 14.62 23.00
C PHE A 879 -19.99 14.64 23.39
N SER A 880 -20.82 13.92 22.63
CA SER A 880 -22.25 13.90 22.92
C SER A 880 -22.54 13.27 24.26
N HIS A 881 -21.89 12.16 24.58
CA HIS A 881 -22.04 11.52 25.89
C HIS A 881 -21.68 12.50 27.01
N PHE A 882 -20.54 13.18 26.88
CA PHE A 882 -20.16 14.17 27.88
C PHE A 882 -21.21 15.27 28.03
N ILE A 883 -21.73 15.76 26.92
CA ILE A 883 -22.70 16.85 26.96
C ILE A 883 -23.98 16.40 27.66
N MET A 884 -24.39 15.15 27.44
CA MET A 884 -25.61 14.69 28.09
C MET A 884 -25.41 14.51 29.59
N LEU A 885 -24.22 14.04 30.00
CA LEU A 885 -23.92 14.03 31.44
C LEU A 885 -24.04 15.42 32.05
N PHE A 886 -23.45 16.41 31.38
CA PHE A 886 -23.51 17.78 31.91
C PHE A 886 -24.95 18.28 31.99
N LEU A 887 -25.74 18.02 30.94
CA LEU A 887 -27.10 18.54 30.90
C LEU A 887 -28.02 17.86 31.92
N VAL A 888 -27.72 16.62 32.30
CA VAL A 888 -28.51 15.97 33.35
C VAL A 888 -28.04 16.44 34.74
N SER A 889 -26.73 16.65 34.90
CA SER A 889 -26.23 17.07 36.20
C SER A 889 -26.71 18.46 36.55
N MET A 890 -26.76 19.37 35.56
CA MET A 890 -27.24 20.72 35.85
C MET A 890 -28.71 20.74 36.24
N VAL A 891 -29.51 19.78 35.76
CA VAL A 891 -30.89 19.67 36.22
C VAL A 891 -30.93 19.10 37.62
N MET A 892 -30.11 18.10 37.91
CA MET A 892 -30.16 17.50 39.24
C MET A 892 -29.66 18.46 40.31
N SER A 893 -28.82 19.43 39.95
CA SER A 893 -28.27 20.33 40.98
C SER A 893 -29.26 21.44 41.36
N PHE A 894 -30.12 21.86 40.44
CA PHE A 894 -31.16 22.83 40.78
C PHE A 894 -32.15 22.27 41.80
N TYR A 895 -32.28 20.95 41.88
CA TYR A 895 -33.20 20.33 42.83
C TYR A 895 -32.80 20.61 44.28
N PHE A 896 -31.53 20.90 44.54
CA PHE A 896 -31.03 21.13 45.89
C PHE A 896 -30.86 22.62 46.18
N CYS A 897 -30.06 23.32 45.37
CA CYS A 897 -29.87 24.76 45.52
C CYS A 897 -29.46 25.36 44.18
N PRO A 898 -30.23 26.28 43.59
CA PRO A 898 -29.89 26.74 42.23
C PRO A 898 -28.76 27.75 42.15
N ILE A 899 -28.39 28.40 43.27
CA ILE A 899 -27.41 29.47 43.23
C ILE A 899 -26.05 28.95 42.79
N VAL A 900 -25.53 27.97 43.52
CA VAL A 900 -24.20 27.43 43.23
C VAL A 900 -24.17 26.79 41.86
N ALA A 901 -25.28 26.17 41.44
CA ALA A 901 -25.36 25.56 40.12
C ALA A 901 -25.25 26.62 39.03
N ALA A 902 -26.08 27.67 39.13
CA ALA A 902 -26.02 28.75 38.15
C ALA A 902 -24.65 29.41 38.13
N VAL A 903 -23.96 29.41 39.27
CA VAL A 903 -22.61 29.95 39.30
C VAL A 903 -21.65 29.06 38.51
N LEU A 904 -21.55 27.78 38.90
CA LEU A 904 -20.44 26.95 38.43
C LEU A 904 -20.71 26.27 37.09
N THR A 905 -21.96 26.25 36.61
CA THR A 905 -22.18 25.78 35.24
C THR A 905 -21.50 26.69 34.23
N PHE A 906 -21.43 27.99 34.54
CA PHE A 906 -20.69 28.93 33.70
C PHE A 906 -19.22 28.54 33.60
N ILE A 907 -18.62 28.20 34.74
CA ILE A 907 -17.22 27.79 34.78
C ILE A 907 -17.01 26.51 33.99
N TYR A 908 -17.89 25.52 34.18
CA TYR A 908 -17.75 24.27 33.44
C TYR A 908 -17.95 24.48 31.94
N PHE A 909 -18.82 25.41 31.54
CA PHE A 909 -18.98 25.70 30.12
C PHE A 909 -17.70 26.30 29.56
N ILE A 910 -17.08 27.23 30.29
CA ILE A 910 -15.81 27.80 29.83
C ILE A 910 -14.75 26.71 29.71
N ASN A 911 -14.65 25.85 30.72
CA ASN A 911 -13.63 24.81 30.69
C ASN A 911 -13.91 23.76 29.62
N MET A 912 -15.17 23.60 29.21
CA MET A 912 -15.48 22.72 28.09
C MET A 912 -15.12 23.37 26.76
N ARG A 913 -15.25 24.69 26.66
CA ARG A 913 -14.91 25.37 25.42
C ARG A 913 -13.43 25.26 25.07
N VAL A 914 -12.57 24.99 26.06
CA VAL A 914 -11.15 24.95 25.80
C VAL A 914 -10.77 23.74 24.96
N PHE A 915 -11.47 22.61 25.15
CA PHE A 915 -11.05 21.38 24.51
C PHE A 915 -11.28 21.42 23.00
N ALA A 916 -12.32 22.11 22.54
CA ALA A 916 -12.65 22.08 21.12
C ALA A 916 -11.74 23.02 20.32
N VAL A 917 -11.78 24.31 20.60
CA VAL A 917 -11.03 25.30 19.81
C VAL A 917 -9.64 25.41 20.44
N ARG A 918 -8.77 24.47 20.06
CA ARG A 918 -7.35 24.58 20.35
C ARG A 918 -6.46 24.15 19.19
N ALA A 919 -6.98 23.44 18.19
CA ALA A 919 -6.18 22.96 17.06
C ALA A 919 -4.98 22.14 17.51
N PHE A 947 14.16 14.13 -0.37
CA PHE A 947 13.28 13.71 0.72
C PHE A 947 11.85 13.63 0.24
N LYS A 948 11.51 12.50 -0.38
CA LYS A 948 10.16 12.22 -0.86
C LYS A 948 9.40 11.44 0.21
N ASP A 949 8.20 10.98 -0.12
CA ASP A 949 7.39 10.25 0.83
C ASP A 949 7.90 8.81 0.97
N PRO A 950 7.55 8.12 2.06
CA PRO A 950 7.99 6.72 2.19
C PRO A 950 7.29 5.77 1.25
N SER A 951 6.04 6.03 0.90
CA SER A 951 5.27 5.08 0.10
C SER A 951 5.77 5.00 -1.33
N PHE A 952 6.30 6.10 -1.86
CA PHE A 952 6.89 6.11 -3.19
C PHE A 952 8.05 5.12 -3.27
N LEU A 953 8.95 5.19 -2.29
CA LEU A 953 10.15 4.35 -2.30
C LEU A 953 9.81 2.89 -2.13
N ILE A 954 8.84 2.58 -1.27
CA ILE A 954 8.50 1.18 -0.98
C ILE A 954 7.92 0.51 -2.22
N GLN A 955 6.98 1.17 -2.89
CA GLN A 955 6.42 0.63 -4.11
C GLN A 955 7.45 0.55 -5.21
N GLU A 956 8.30 1.57 -5.32
CA GLU A 956 9.33 1.58 -6.34
C GLU A 956 10.31 0.43 -6.15
N ALA A 957 10.53 0.02 -4.90
CA ALA A 957 11.38 -1.13 -4.62
C ALA A 957 10.65 -2.44 -4.89
N PHE A 958 9.38 -2.55 -4.48
CA PHE A 958 8.66 -3.80 -4.66
C PHE A 958 8.41 -4.11 -6.13
N TYR A 959 8.30 -3.10 -6.98
CA TYR A 959 8.11 -3.37 -8.40
C TYR A 959 9.39 -3.82 -9.11
N ASN A 960 10.56 -3.44 -8.58
CA ASN A 960 11.83 -3.68 -9.25
C ASN A 960 12.76 -4.51 -8.38
N MET A 961 12.24 -5.60 -7.80
CA MET A 961 13.02 -6.40 -6.85
C MET A 961 14.22 -7.07 -7.51
N HIS A 962 14.11 -7.45 -8.79
CA HIS A 962 15.20 -8.19 -9.41
C HIS A 962 16.45 -7.34 -9.56
N THR A 963 16.29 -6.10 -10.01
CA THR A 963 17.44 -5.19 -10.10
C THR A 963 18.05 -4.96 -8.72
N VAL A 964 17.20 -4.72 -7.71
CA VAL A 964 17.67 -4.44 -6.36
C VAL A 964 18.42 -5.61 -5.78
N ILE A 965 18.04 -6.84 -6.15
CA ILE A 965 18.75 -8.01 -5.66
C ILE A 965 20.01 -8.26 -6.48
N ASN A 966 20.01 -7.92 -7.77
CA ASN A 966 21.20 -8.17 -8.58
C ASN A 966 22.33 -7.23 -8.19
N TYR A 967 22.04 -5.95 -8.07
CA TYR A 967 23.09 -4.94 -7.83
C TYR A 967 23.36 -4.68 -6.36
N GLY A 968 22.68 -5.37 -5.44
CA GLY A 968 22.99 -5.24 -4.03
C GLY A 968 22.64 -3.88 -3.46
N LEU A 969 21.34 -3.60 -3.35
CA LEU A 969 20.83 -2.29 -2.97
C LEU A 969 19.75 -2.43 -1.90
N GLU A 970 20.04 -3.15 -0.82
CA GLU A 970 19.10 -3.29 0.29
C GLU A 970 19.30 -2.18 1.33
N ASP A 971 20.50 -2.13 1.91
CA ASP A 971 20.78 -1.17 2.98
C ASP A 971 20.68 0.27 2.49
N TYR A 972 20.92 0.49 1.20
CA TYR A 972 20.80 1.83 0.64
C TYR A 972 19.39 2.37 0.81
N PHE A 973 18.39 1.64 0.28
CA PHE A 973 17.01 2.06 0.44
C PHE A 973 16.57 2.03 1.90
N CYS A 974 17.11 1.09 2.69
CA CYS A 974 16.77 1.07 4.11
C CYS A 974 17.16 2.37 4.79
N ASN A 975 18.40 2.81 4.59
CA ASN A 975 18.85 4.07 5.18
C ASN A 975 18.16 5.27 4.53
N LEU A 976 17.74 5.14 3.27
CA LEU A 976 17.13 6.25 2.57
C LEU A 976 15.70 6.48 3.01
N ILE A 977 15.01 5.44 3.48
CA ILE A 977 13.64 5.62 3.94
C ILE A 977 13.60 6.24 5.33
N GLU A 978 14.62 6.00 6.15
CA GLU A 978 14.66 6.61 7.48
C GLU A 978 14.67 8.12 7.41
N LYS A 979 15.40 8.68 6.46
CA LYS A 979 15.47 10.13 6.32
C LYS A 979 14.16 10.75 5.85
N ALA A 980 13.25 9.95 5.30
CA ALA A 980 11.92 10.44 4.95
C ALA A 980 10.94 10.33 6.10
N ILE A 981 11.03 9.28 6.91
CA ILE A 981 10.21 9.19 8.12
C ILE A 981 10.50 10.37 9.03
N ASP A 982 11.77 10.71 9.20
CA ASP A 982 12.12 11.83 10.07
C ASP A 982 11.73 13.16 9.43
N TYR A 983 11.84 13.28 8.12
CA TYR A 983 11.44 14.52 7.45
C TYR A 983 9.94 14.74 7.55
N LYS A 984 9.16 13.68 7.51
CA LYS A 984 7.71 13.82 7.65
C LYS A 984 7.33 14.22 9.07
N ASN A 985 8.15 13.86 10.05
CA ASN A 985 7.92 14.21 11.45
C ASN A 985 8.73 15.45 11.78
N LYS A 986 8.10 16.62 11.68
CA LYS A 986 8.69 17.89 12.07
C LYS A 986 7.84 18.63 13.09
N GLY A 987 6.52 18.58 12.96
CA GLY A 987 5.62 18.99 14.02
C GLY A 987 5.40 17.94 15.08
N GLN A 988 6.12 16.82 15.00
CA GLN A 988 6.02 15.75 15.99
C GLN A 988 6.51 16.19 17.36
N LYS A 989 7.29 17.25 17.44
CA LYS A 989 7.83 17.72 18.72
C LYS A 989 6.93 18.78 19.36
N ARG A 990 6.31 19.64 18.55
CA ARG A 990 5.51 20.74 19.08
C ARG A 990 4.11 20.30 19.49
N ARG A 991 3.54 19.33 18.78
CA ARG A 991 2.16 18.94 19.04
C ARG A 991 2.00 18.07 20.29
N ILE A 992 3.10 17.67 20.94
CA ILE A 992 3.01 16.82 22.12
C ILE A 992 2.89 17.65 23.39
N ILE A 993 3.63 18.76 23.49
CA ILE A 993 3.58 19.55 24.71
C ILE A 993 2.20 20.16 24.90
N VAL A 994 1.53 20.51 23.80
CA VAL A 994 0.19 21.06 23.89
C VAL A 994 -0.77 20.02 24.43
N ASN A 995 -0.70 18.80 23.89
CA ASN A 995 -1.58 17.73 24.34
C ASN A 995 -1.28 17.36 25.78
N ALA A 996 -0.02 17.43 26.20
CA ALA A 996 0.32 17.13 27.59
C ALA A 996 -0.24 18.17 28.54
N ALA A 997 -0.13 19.45 28.17
CA ALA A 997 -0.73 20.50 28.98
C ALA A 997 -2.24 20.33 29.07
N LEU A 998 -2.88 19.96 27.96
CA LEU A 998 -4.32 19.74 27.99
C LEU A 998 -4.69 18.55 28.88
N TRP A 999 -3.91 17.47 28.81
CA TRP A 999 -4.17 16.31 29.65
C TRP A 999 -4.03 16.67 31.12
N GLY A 1000 -3.02 17.45 31.47
CA GLY A 1000 -2.87 17.89 32.84
C GLY A 1000 -4.02 18.78 33.29
N PHE A 1001 -4.45 19.69 32.42
CA PHE A 1001 -5.57 20.56 32.74
C PHE A 1001 -6.86 19.79 32.92
N SER A 1002 -7.03 18.67 32.21
CA SER A 1002 -8.21 17.84 32.41
C SER A 1002 -8.23 17.25 33.81
N GLN A 1003 -7.09 16.77 34.29
CA GLN A 1003 -7.01 16.12 35.60
C GLN A 1003 -6.91 17.12 36.75
N SER A 1004 -6.61 18.39 36.48
CA SER A 1004 -6.48 19.40 37.52
C SER A 1004 -7.54 20.48 37.48
N ALA A 1005 -8.49 20.44 36.54
CA ALA A 1005 -9.56 21.41 36.51
C ALA A 1005 -10.65 21.11 37.54
N GLN A 1006 -10.54 20.01 38.29
CA GLN A 1006 -11.60 19.62 39.20
C GLN A 1006 -11.44 20.29 40.56
N LEU A 1007 -10.21 20.34 41.07
CA LEU A 1007 -9.97 20.85 42.42
C LEU A 1007 -9.97 22.37 42.48
N PHE A 1008 -9.46 23.03 41.43
CA PHE A 1008 -9.48 24.49 41.37
C PHE A 1008 -10.89 25.04 41.45
N ILE A 1009 -11.89 24.28 41.02
CA ILE A 1009 -13.27 24.73 41.09
C ILE A 1009 -13.88 24.45 42.46
N ASN A 1010 -13.55 23.31 43.06
CA ASN A 1010 -14.05 23.00 44.39
C ASN A 1010 -13.52 23.97 45.43
N SER A 1011 -12.25 24.37 45.30
CA SER A 1011 -11.67 25.35 46.22
C SER A 1011 -12.40 26.69 46.12
N PHE A 1012 -12.66 27.14 44.90
CA PHE A 1012 -13.37 28.39 44.70
C PHE A 1012 -14.79 28.29 45.24
N ALA A 1013 -15.42 27.13 45.07
CA ALA A 1013 -16.77 26.91 45.60
C ALA A 1013 -16.78 27.04 47.12
N TYR A 1014 -15.84 26.38 47.79
CA TYR A 1014 -15.72 26.54 49.24
C TYR A 1014 -15.49 27.99 49.62
N TRP A 1015 -14.68 28.70 48.83
CA TRP A 1015 -14.38 30.09 49.12
C TRP A 1015 -15.63 30.95 49.13
N PHE A 1016 -16.35 31.02 48.00
CA PHE A 1016 -17.54 31.88 47.98
C PHE A 1016 -18.76 31.20 48.59
N GLY A 1017 -18.62 30.02 49.19
CA GLY A 1017 -19.68 29.43 49.97
C GLY A 1017 -19.56 29.77 51.44
N SER A 1018 -18.32 29.91 51.92
CA SER A 1018 -18.11 30.27 53.33
C SER A 1018 -18.75 31.60 53.66
N PHE A 1019 -18.64 32.58 52.76
CA PHE A 1019 -19.22 33.91 53.01
C PHE A 1019 -20.73 33.82 53.15
N LEU A 1020 -21.38 33.14 52.20
CA LEU A 1020 -22.84 33.05 52.24
C LEU A 1020 -23.33 32.23 53.43
N ILE A 1021 -22.55 31.23 53.85
CA ILE A 1021 -22.94 30.47 55.04
C ILE A 1021 -22.80 31.33 56.29
N LYS A 1022 -21.74 32.13 56.37
CA LYS A 1022 -21.58 33.01 57.53
C LYS A 1022 -22.64 34.11 57.53
N ARG A 1023 -23.11 34.52 56.36
CA ARG A 1023 -24.14 35.56 56.30
C ARG A 1023 -25.48 35.06 56.80
N GLY A 1024 -25.76 33.77 56.63
CA GLY A 1024 -27.00 33.18 57.11
C GLY A 1024 -28.10 33.21 56.07
N THR A 1025 -27.80 32.72 54.87
CA THR A 1025 -28.77 32.61 53.78
C THR A 1025 -28.79 31.27 53.09
N ILE A 1026 -27.73 30.46 53.20
CA ILE A 1026 -27.68 29.12 52.63
C ILE A 1026 -27.13 28.18 53.71
N LEU A 1027 -27.70 26.98 53.77
CA LEU A 1027 -27.29 25.99 54.74
C LEU A 1027 -26.15 25.14 54.17
N VAL A 1028 -25.59 24.28 55.03
CA VAL A 1028 -24.38 23.56 54.68
C VAL A 1028 -24.71 22.26 53.95
N ASP A 1029 -25.78 21.58 54.37
CA ASP A 1029 -26.07 20.25 53.85
C ASP A 1029 -26.44 20.30 52.36
N ASP A 1030 -27.39 21.16 52.00
CA ASP A 1030 -27.78 21.30 50.60
C ASP A 1030 -26.64 21.80 49.73
N PHE A 1031 -25.81 22.71 50.25
CA PHE A 1031 -24.59 23.12 49.56
C PHE A 1031 -23.71 21.92 49.25
N MET A 1032 -23.46 21.09 50.26
CA MET A 1032 -22.58 19.94 50.10
C MET A 1032 -23.12 18.99 49.04
N LYS A 1033 -24.39 18.61 49.16
CA LYS A 1033 -24.94 17.62 48.23
C LYS A 1033 -25.40 18.23 46.90
N SER A 1034 -25.28 19.54 46.72
CA SER A 1034 -25.37 20.14 45.40
C SER A 1034 -24.02 20.22 44.72
N LEU A 1035 -22.94 20.38 45.50
CA LEU A 1035 -21.61 20.36 44.93
C LEU A 1035 -21.17 18.95 44.56
N PHE A 1036 -21.56 17.96 45.38
CA PHE A 1036 -21.05 16.61 45.22
C PHE A 1036 -21.50 15.95 43.92
N THR A 1037 -22.58 16.42 43.31
CA THR A 1037 -23.19 15.68 42.20
C THR A 1037 -22.54 15.95 40.84
N PHE A 1038 -21.67 16.95 40.73
CA PHE A 1038 -20.95 17.22 39.49
C PHE A 1038 -19.69 16.38 39.35
N ILE A 1039 -19.47 15.42 40.24
CA ILE A 1039 -18.23 14.67 40.22
C ILE A 1039 -18.13 13.78 38.99
N PHE A 1040 -19.28 13.30 38.48
CA PHE A 1040 -19.25 12.44 37.32
C PHE A 1040 -18.77 13.19 36.08
N THR A 1041 -19.38 14.35 35.81
CA THR A 1041 -18.95 15.16 34.68
C THR A 1041 -17.60 15.82 34.90
N GLY A 1042 -17.13 15.89 36.14
CA GLY A 1042 -15.77 16.35 36.38
C GLY A 1042 -14.74 15.27 36.12
N SER A 1043 -15.09 14.02 36.39
CA SER A 1043 -14.18 12.90 36.22
C SER A 1043 -14.18 12.34 34.81
N TYR A 1044 -15.27 12.49 34.07
CA TYR A 1044 -15.36 11.93 32.72
C TYR A 1044 -14.54 12.71 31.70
N ALA A 1045 -13.97 13.85 32.07
CA ALA A 1045 -13.29 14.71 31.11
C ALA A 1045 -12.02 14.10 30.54
N GLY A 1046 -11.49 13.04 31.15
CA GLY A 1046 -10.29 12.42 30.63
C GLY A 1046 -10.47 11.75 29.28
N LYS A 1047 -11.70 11.44 28.90
CA LYS A 1047 -11.98 10.80 27.62
C LYS A 1047 -12.05 11.77 26.46
N LEU A 1048 -11.94 13.08 26.70
CA LEU A 1048 -11.95 14.08 25.66
C LEU A 1048 -10.57 14.31 25.05
N MET A 1049 -9.62 13.38 25.27
CA MET A 1049 -8.26 13.52 24.77
C MET A 1049 -7.71 12.22 24.21
N SER A 1050 -8.54 11.19 24.03
CA SER A 1050 -8.07 9.89 23.56
C SER A 1050 -8.07 9.76 22.05
N LEU A 1051 -8.77 10.63 21.32
CA LEU A 1051 -8.94 10.51 19.88
C LEU A 1051 -8.80 11.87 19.19
N LYS A 1052 -7.78 12.63 19.59
CA LYS A 1052 -7.55 13.95 19.01
C LYS A 1052 -6.63 13.91 17.79
N GLY A 1053 -5.48 13.23 17.91
CA GLY A 1053 -4.53 13.22 16.82
C GLY A 1053 -5.06 12.54 15.58
N ASP A 1054 -5.78 11.43 15.75
CA ASP A 1054 -6.38 10.75 14.61
C ASP A 1054 -7.50 11.56 13.98
N SER A 1055 -8.15 12.43 14.75
CA SER A 1055 -9.14 13.33 14.19
C SER A 1055 -8.51 14.48 13.42
N GLU A 1056 -7.32 14.93 13.83
CA GLU A 1056 -6.65 16.00 13.10
C GLU A 1056 -5.99 15.49 11.82
N ASN A 1057 -5.31 14.35 11.90
CA ASN A 1057 -4.67 13.77 10.72
C ASN A 1057 -5.70 13.48 9.63
N ALA A 1058 -6.88 13.01 10.03
CA ALA A 1058 -7.93 12.72 9.06
C ALA A 1058 -8.37 13.98 8.33
N LYS A 1059 -8.51 15.10 9.05
CA LYS A 1059 -8.93 16.34 8.41
C LYS A 1059 -7.86 16.85 7.46
N LEU A 1060 -6.60 16.77 7.86
CA LEU A 1060 -5.52 17.19 6.98
C LEU A 1060 -5.49 16.35 5.70
N SER A 1061 -5.56 15.03 5.85
CA SER A 1061 -5.54 14.14 4.69
C SER A 1061 -6.72 14.43 3.76
N PHE A 1062 -7.91 14.60 4.35
CA PHE A 1062 -9.09 14.93 3.56
C PHE A 1062 -8.88 16.22 2.78
N GLU A 1063 -8.30 17.23 3.42
CA GLU A 1063 -8.07 18.49 2.73
C GLU A 1063 -7.10 18.34 1.58
N LYS A 1064 -6.14 17.41 1.69
CA LYS A 1064 -5.16 17.23 0.62
C LYS A 1064 -5.45 16.08 -0.34
N TYR A 1065 -6.63 15.43 -0.24
CA TYR A 1065 -7.11 14.61 -1.36
C TYR A 1065 -8.51 14.98 -1.86
N TYR A 1066 -9.15 16.01 -1.31
CA TYR A 1066 -10.41 16.45 -1.91
C TYR A 1066 -10.29 16.96 -3.35
N PRO A 1067 -9.25 17.71 -3.76
CA PRO A 1067 -9.24 18.20 -5.14
C PRO A 1067 -9.10 17.09 -6.17
N LEU A 1068 -8.47 15.96 -5.82
CA LEU A 1068 -8.48 14.82 -6.71
C LEU A 1068 -9.89 14.28 -6.87
N MET A 1069 -10.69 14.34 -5.81
CA MET A 1069 -12.05 13.86 -5.85
C MET A 1069 -12.94 14.75 -6.70
N ILE A 1070 -12.71 16.07 -6.65
CA ILE A 1070 -13.58 16.99 -7.37
C ILE A 1070 -13.13 17.29 -8.81
N ARG A 1071 -11.86 17.03 -9.13
CA ARG A 1071 -11.31 17.41 -10.43
C ARG A 1071 -12.00 16.64 -11.56
N LYS A 1072 -12.06 17.29 -12.72
CA LYS A 1072 -12.55 16.70 -13.96
C LYS A 1072 -11.49 16.75 -15.04
N SER A 1073 -11.65 15.92 -16.05
CA SER A 1073 -10.65 15.73 -17.09
C SER A 1073 -11.03 16.50 -18.35
N ASN A 1074 -10.00 16.84 -19.14
CA ASN A 1074 -10.23 17.49 -20.42
C ASN A 1074 -10.67 16.48 -21.47
N ILE A 1075 -10.10 15.29 -21.45
CA ILE A 1075 -10.43 14.22 -22.38
C ILE A 1075 -11.17 13.14 -21.59
N ASP A 1076 -12.49 13.06 -21.78
CA ASP A 1076 -13.35 12.15 -21.06
C ASP A 1076 -14.15 11.31 -22.04
N VAL A 1077 -14.20 10.00 -21.80
CA VAL A 1077 -14.93 9.10 -22.69
C VAL A 1077 -16.43 9.07 -22.38
N ARG A 1078 -16.83 9.54 -21.20
CA ARG A 1078 -18.24 9.51 -20.82
C ARG A 1078 -19.08 10.55 -21.56
N ASP A 1079 -18.45 11.53 -22.20
CA ASP A 1079 -19.20 12.48 -23.03
C ASP A 1079 -19.81 11.74 -24.20
N ASP A 1080 -21.13 11.88 -24.37
CA ASP A 1080 -21.91 11.13 -25.34
C ASP A 1080 -22.48 12.04 -26.42
N GLY A 1081 -21.67 12.96 -26.91
CA GLY A 1081 -22.08 13.88 -27.97
C GLY A 1081 -21.03 13.98 -29.06
N GLY A 1082 -21.43 13.62 -30.28
CA GLY A 1082 -20.51 13.69 -31.41
C GLY A 1082 -21.00 12.79 -32.53
N ILE A 1083 -20.17 12.71 -33.56
CA ILE A 1083 -20.48 11.91 -34.74
C ILE A 1083 -20.41 10.44 -34.37
N ARG A 1084 -21.56 9.76 -34.41
CA ARG A 1084 -21.62 8.33 -34.18
C ARG A 1084 -21.25 7.60 -35.46
N ILE A 1085 -20.33 6.65 -35.34
CA ILE A 1085 -19.75 5.95 -36.48
C ILE A 1085 -20.09 4.48 -36.38
N ASN A 1086 -20.53 3.90 -37.49
CA ASN A 1086 -20.92 2.49 -37.57
C ASN A 1086 -19.78 1.65 -38.12
N LYS A 1087 -19.72 0.40 -37.67
CA LYS A 1087 -18.71 -0.56 -38.10
C LYS A 1087 -19.22 -1.41 -39.25
N ASN A 1088 -19.76 -0.75 -40.29
CA ASN A 1088 -20.21 -1.45 -41.50
C ASN A 1088 -19.72 -0.74 -42.76
N LEU A 1089 -19.61 0.59 -42.72
CA LEU A 1089 -19.25 1.40 -43.88
C LEU A 1089 -18.06 2.27 -43.47
N ILE A 1090 -16.85 1.73 -43.63
CA ILE A 1090 -15.63 2.42 -43.27
C ILE A 1090 -14.58 2.13 -44.33
N LYS A 1091 -13.95 3.17 -44.86
CA LYS A 1091 -12.88 2.98 -45.83
C LYS A 1091 -11.56 2.69 -45.13
N GLY A 1092 -11.18 3.54 -44.18
CA GLY A 1092 -9.97 3.34 -43.40
C GLY A 1092 -8.77 4.09 -43.95
N LYS A 1093 -8.96 5.35 -44.32
CA LYS A 1093 -7.90 6.20 -44.83
C LYS A 1093 -7.45 7.16 -43.74
N VAL A 1094 -6.15 7.18 -43.48
CA VAL A 1094 -5.54 8.08 -42.50
C VAL A 1094 -4.64 9.04 -43.25
N ASP A 1095 -4.97 10.32 -43.20
CA ASP A 1095 -4.26 11.37 -43.93
C ASP A 1095 -3.65 12.36 -42.95
N ILE A 1096 -2.52 12.92 -43.36
CA ILE A 1096 -1.77 13.88 -42.55
C ILE A 1096 -1.44 15.08 -43.44
N LYS A 1097 -1.75 16.28 -42.95
CA LYS A 1097 -1.51 17.52 -43.69
C LYS A 1097 -0.26 18.22 -43.15
N ASP A 1098 -0.22 18.44 -41.84
CA ASP A 1098 0.93 19.06 -41.19
C ASP A 1098 0.90 18.65 -39.72
N VAL A 1099 2.10 18.50 -39.14
CA VAL A 1099 2.23 18.03 -37.77
C VAL A 1099 3.35 18.81 -37.08
N ASN A 1100 3.06 19.25 -35.85
CA ASN A 1100 4.05 19.86 -34.99
C ASN A 1100 3.64 19.56 -33.55
N PHE A 1101 4.57 19.00 -32.78
CA PHE A 1101 4.26 18.49 -31.45
C PHE A 1101 5.44 18.73 -30.53
N ARG A 1102 5.13 18.92 -29.24
CA ARG A 1102 6.15 19.15 -28.23
C ARG A 1102 5.60 18.71 -26.89
N TYR A 1103 6.41 17.97 -26.14
CA TYR A 1103 6.00 17.48 -24.83
C TYR A 1103 6.07 18.58 -23.79
N ILE A 1104 5.27 18.42 -22.73
CA ILE A 1104 5.18 19.41 -21.67
C ILE A 1104 6.24 19.18 -20.59
N SER A 1105 6.78 17.98 -20.47
CA SER A 1105 7.80 17.71 -19.45
C SER A 1105 9.13 18.39 -19.77
N ARG A 1106 9.39 18.73 -21.03
CA ARG A 1106 10.65 19.36 -21.43
C ARG A 1106 10.44 20.18 -22.69
N PRO A 1107 9.67 21.26 -22.61
CA PRO A 1107 9.28 21.98 -23.82
C PRO A 1107 10.40 22.82 -24.43
N ASN A 1108 11.46 22.13 -24.87
CA ASN A 1108 12.48 22.74 -25.70
C ASN A 1108 12.96 21.79 -26.80
N VAL A 1109 12.41 20.58 -26.88
CA VAL A 1109 12.91 19.53 -27.76
C VAL A 1109 11.89 19.30 -28.88
N PRO A 1110 11.96 20.02 -30.00
CA PRO A 1110 11.04 19.73 -31.10
C PRO A 1110 11.38 18.40 -31.74
N ILE A 1111 10.34 17.67 -32.17
CA ILE A 1111 10.45 16.29 -32.62
C ILE A 1111 9.95 16.13 -34.05
N TYR A 1112 8.79 16.70 -34.35
CA TYR A 1112 8.15 16.60 -35.66
C TYR A 1112 8.17 17.96 -36.35
N LYS A 1113 8.42 17.94 -37.65
CA LYS A 1113 8.37 19.14 -38.49
C LYS A 1113 7.79 18.76 -39.85
N ASN A 1114 6.53 19.10 -40.07
CA ASN A 1114 5.87 18.94 -41.36
C ASN A 1114 5.88 17.47 -41.83
N LEU A 1115 5.20 16.63 -41.08
CA LEU A 1115 5.00 15.25 -41.49
C LEU A 1115 3.96 15.19 -42.60
N SER A 1116 4.14 14.25 -43.53
CA SER A 1116 3.23 14.12 -44.66
C SER A 1116 3.33 12.71 -45.23
N PHE A 1117 2.29 11.91 -45.02
CA PHE A 1117 2.19 10.59 -45.62
C PHE A 1117 0.78 10.08 -45.39
N THR A 1118 0.42 9.00 -46.09
CA THR A 1118 -0.94 8.49 -46.09
C THR A 1118 -0.93 6.96 -46.15
N CYS A 1119 -2.03 6.38 -45.65
CA CYS A 1119 -2.33 4.96 -45.79
C CYS A 1119 -3.75 4.87 -46.32
N ASP A 1120 -3.92 4.34 -47.54
CA ASP A 1120 -5.13 4.66 -48.30
C ASP A 1120 -6.34 3.85 -47.82
N SER A 1121 -6.34 2.54 -48.06
CA SER A 1121 -7.46 1.70 -47.66
C SER A 1121 -7.15 0.23 -47.87
N LYS A 1122 -7.30 -0.60 -46.84
CA LYS A 1122 -7.10 -2.05 -46.93
C LYS A 1122 -5.69 -2.41 -47.43
N LYS A 1123 -4.74 -1.50 -47.26
CA LYS A 1123 -3.35 -1.71 -47.65
C LYS A 1123 -2.48 -1.89 -46.42
N THR A 1124 -1.25 -2.33 -46.66
CA THR A 1124 -0.24 -2.50 -45.63
C THR A 1124 0.83 -1.43 -45.79
N THR A 1125 1.23 -0.83 -44.68
CA THR A 1125 2.22 0.24 -44.68
C THR A 1125 3.27 -0.05 -43.62
N ALA A 1126 4.53 0.18 -43.97
CA ALA A 1126 5.66 -0.04 -43.06
C ALA A 1126 6.34 1.28 -42.76
N ILE A 1127 6.91 1.38 -41.55
CA ILE A 1127 7.53 2.60 -41.06
C ILE A 1127 8.87 2.21 -40.46
N VAL A 1128 9.95 2.73 -41.04
CA VAL A 1128 11.30 2.55 -40.51
C VAL A 1128 11.87 3.92 -40.15
N GLY A 1129 12.81 3.92 -39.22
CA GLY A 1129 13.40 5.15 -38.75
C GLY A 1129 14.48 4.86 -37.73
N GLU A 1130 15.16 5.93 -37.33
CA GLU A 1130 16.21 5.86 -36.33
C GLU A 1130 15.61 5.90 -34.93
N THR A 1131 16.34 5.34 -33.98
CA THR A 1131 15.87 5.31 -32.59
C THR A 1131 15.68 6.71 -32.05
N GLY A 1132 14.49 6.97 -31.50
CA GLY A 1132 14.17 8.26 -30.95
C GLY A 1132 13.50 9.22 -31.91
N SER A 1133 12.95 8.73 -33.02
CA SER A 1133 12.40 9.59 -34.05
C SER A 1133 10.91 9.88 -33.88
N GLY A 1134 10.21 9.12 -33.03
CA GLY A 1134 8.80 9.35 -32.80
C GLY A 1134 7.89 8.33 -33.47
N LYS A 1135 8.29 7.07 -33.47
CA LYS A 1135 7.47 6.02 -34.08
C LYS A 1135 6.33 5.61 -33.15
N SER A 1136 6.64 5.37 -31.88
CA SER A 1136 5.60 5.05 -30.89
C SER A 1136 5.12 6.32 -30.17
N THR A 1137 4.80 7.33 -30.97
CA THR A 1137 4.15 8.55 -30.51
C THR A 1137 2.99 8.88 -31.44
N PHE A 1138 3.15 8.56 -32.72
CA PHE A 1138 2.05 8.64 -33.68
C PHE A 1138 0.89 7.75 -33.25
N MET A 1139 1.20 6.56 -32.73
CA MET A 1139 0.17 5.68 -32.22
C MET A 1139 -0.62 6.35 -31.09
N ASN A 1140 0.09 6.95 -30.14
CA ASN A 1140 -0.57 7.58 -28.99
C ASN A 1140 -1.39 8.78 -29.42
N LEU A 1141 -0.86 9.61 -30.32
CA LEU A 1141 -1.64 10.71 -30.86
C LEU A 1141 -2.88 10.22 -31.58
N LEU A 1142 -2.81 9.05 -32.20
CA LEU A 1142 -3.94 8.50 -32.94
C LEU A 1142 -5.03 7.93 -32.05
N LEU A 1143 -4.78 7.78 -30.74
CA LEU A 1143 -5.76 7.25 -29.79
C LEU A 1143 -6.12 8.26 -28.70
N ARG A 1144 -5.87 9.54 -28.93
CA ARG A 1144 -6.33 10.61 -28.04
C ARG A 1144 -5.73 10.50 -26.64
N PHE A 1145 -4.47 10.03 -26.57
CA PHE A 1145 -3.72 10.17 -25.32
C PHE A 1145 -3.18 11.58 -25.15
N TYR A 1146 -2.91 12.27 -26.26
CA TYR A 1146 -2.40 13.64 -26.22
C TYR A 1146 -3.01 14.41 -27.38
N ASP A 1147 -3.43 15.63 -27.09
CA ASP A 1147 -4.00 16.51 -28.11
C ASP A 1147 -2.90 17.32 -28.78
N LEU A 1148 -3.28 17.98 -29.88
CA LEU A 1148 -2.35 18.77 -30.66
C LEU A 1148 -2.10 20.12 -30.00
N ASN A 1197 -1.17 21.94 -33.11
CA ASN A 1197 -0.76 22.57 -34.36
C ASN A 1197 -0.60 21.51 -35.45
N GLY A 1198 -1.64 21.34 -36.26
CA GLY A 1198 -1.65 20.37 -37.33
C GLY A 1198 -3.00 19.71 -37.41
N GLU A 1199 -3.08 18.65 -38.22
CA GLU A 1199 -4.32 17.91 -38.41
C GLU A 1199 -4.00 16.45 -38.70
N ILE A 1200 -4.87 15.56 -38.21
CA ILE A 1200 -4.88 14.15 -38.57
C ILE A 1200 -6.31 13.81 -38.96
N LEU A 1201 -6.48 13.24 -40.16
CA LEU A 1201 -7.79 13.05 -40.75
C LEU A 1201 -8.07 11.56 -40.95
N LEU A 1202 -9.25 11.13 -40.50
CA LEU A 1202 -9.79 9.80 -40.81
C LEU A 1202 -11.00 10.02 -41.70
N ASP A 1203 -10.89 9.58 -42.96
CA ASP A 1203 -11.90 9.85 -43.98
C ASP A 1203 -12.13 11.35 -44.12
N ASP A 1204 -11.04 12.11 -44.15
CA ASP A 1204 -11.02 13.55 -44.41
C ASP A 1204 -11.75 14.36 -43.35
N ILE A 1205 -11.92 13.82 -42.15
CA ILE A 1205 -12.51 14.55 -41.03
C ILE A 1205 -11.61 14.33 -39.82
N ASN A 1206 -11.47 15.37 -39.00
CA ASN A 1206 -10.54 15.35 -37.88
C ASN A 1206 -10.96 14.30 -36.85
N ILE A 1207 -9.98 13.87 -36.06
CA ILE A 1207 -10.20 12.85 -35.04
C ILE A 1207 -10.88 13.41 -33.81
N CYS A 1208 -10.83 14.72 -33.58
CA CYS A 1208 -11.36 15.32 -32.37
C CYS A 1208 -12.88 15.41 -32.35
N ASP A 1209 -13.58 14.87 -33.34
CA ASP A 1209 -15.02 15.05 -33.48
C ASP A 1209 -15.72 13.75 -33.85
N TYR A 1210 -15.40 12.67 -33.11
CA TYR A 1210 -15.92 11.33 -33.41
C TYR A 1210 -16.57 10.61 -32.23
N ASN A 1211 -16.68 11.22 -31.05
CA ASN A 1211 -17.26 10.53 -29.89
C ASN A 1211 -16.46 9.27 -29.58
N LEU A 1212 -15.26 9.49 -29.05
CA LEU A 1212 -14.17 8.52 -29.05
C LEU A 1212 -14.48 7.14 -28.48
N ARG A 1213 -15.65 6.96 -27.85
CA ARG A 1213 -16.08 5.61 -27.50
C ARG A 1213 -16.11 4.71 -28.73
N ASP A 1214 -16.54 5.25 -29.87
CA ASP A 1214 -16.56 4.48 -31.11
C ASP A 1214 -15.19 4.50 -31.80
N LEU A 1215 -14.42 5.56 -31.61
CA LEU A 1215 -13.08 5.62 -32.19
C LEU A 1215 -12.19 4.52 -31.63
N ARG A 1216 -12.23 4.34 -30.31
CA ARG A 1216 -11.42 3.32 -29.66
C ARG A 1216 -12.00 1.91 -29.81
N ASN A 1217 -13.12 1.76 -30.51
CA ASN A 1217 -13.75 0.45 -30.68
C ASN A 1217 -13.23 -0.27 -31.91
N LEU A 1218 -12.91 0.46 -32.99
CA LEU A 1218 -12.52 -0.15 -34.25
C LEU A 1218 -11.01 -0.20 -34.47
N PHE A 1219 -10.21 0.39 -33.59
CA PHE A 1219 -8.78 0.16 -33.58
C PHE A 1219 -8.44 -1.06 -32.74
N SER A 1220 -7.25 -1.60 -32.96
CA SER A 1220 -6.70 -2.61 -32.05
C SER A 1220 -5.18 -2.53 -32.12
N ILE A 1221 -4.55 -2.25 -30.98
CA ILE A 1221 -3.10 -2.07 -30.88
C ILE A 1221 -2.46 -3.33 -30.35
N VAL A 1222 -1.20 -3.53 -30.71
CA VAL A 1222 -0.31 -4.46 -30.04
C VAL A 1222 0.87 -3.64 -29.54
N SER A 1223 0.85 -3.29 -28.26
CA SER A 1223 1.79 -2.32 -27.71
C SER A 1223 3.21 -2.85 -27.74
N GLN A 1224 4.15 -1.98 -27.36
CA GLN A 1224 5.56 -2.33 -27.36
C GLN A 1224 5.97 -3.11 -26.12
N GLU A 1225 5.25 -2.96 -25.02
CA GLU A 1225 5.40 -3.80 -23.84
C GLU A 1225 4.03 -4.34 -23.45
N PRO A 1226 3.71 -5.61 -23.73
CA PRO A 1226 2.42 -6.14 -23.32
C PRO A 1226 2.27 -6.16 -21.80
N MET A 1227 1.03 -6.30 -21.37
CA MET A 1227 0.71 -6.30 -19.95
C MET A 1227 -0.52 -7.16 -19.71
N LEU A 1228 -0.52 -7.86 -18.57
CA LEU A 1228 -1.60 -8.73 -18.18
C LEU A 1228 -1.94 -8.49 -16.71
N PHE A 1229 -3.07 -9.04 -16.29
CA PHE A 1229 -3.60 -8.86 -14.95
C PHE A 1229 -3.63 -10.21 -14.23
N ASN A 1230 -3.99 -10.18 -12.95
CA ASN A 1230 -3.94 -11.35 -12.09
C ASN A 1230 -5.16 -12.26 -12.25
N MET A 1231 -6.00 -12.01 -13.25
CA MET A 1231 -7.11 -12.90 -13.57
C MET A 1231 -6.57 -14.09 -14.37
N SER A 1232 -7.48 -14.88 -14.95
CA SER A 1232 -7.11 -16.05 -15.73
C SER A 1232 -6.95 -15.69 -17.20
N ILE A 1233 -6.53 -16.68 -17.99
CA ILE A 1233 -6.32 -16.47 -19.42
C ILE A 1233 -7.65 -16.21 -20.12
N TYR A 1234 -8.67 -16.98 -19.76
CA TYR A 1234 -9.99 -16.84 -20.37
C TYR A 1234 -10.55 -15.44 -20.19
N GLU A 1235 -10.30 -14.83 -19.03
CA GLU A 1235 -10.82 -13.50 -18.77
C GLU A 1235 -9.90 -12.41 -19.34
N ASN A 1236 -8.60 -12.68 -19.46
CA ASN A 1236 -7.71 -11.70 -20.07
C ASN A 1236 -7.96 -11.60 -21.58
N ILE A 1237 -8.21 -12.72 -22.24
CA ILE A 1237 -8.50 -12.65 -23.67
C ILE A 1237 -9.86 -11.99 -23.91
N LYS A 1238 -10.80 -12.15 -22.98
CA LYS A 1238 -12.12 -11.54 -23.10
C LYS A 1238 -12.15 -10.09 -22.63
N PHE A 1239 -11.01 -9.48 -22.37
CA PHE A 1239 -10.99 -8.12 -21.84
C PHE A 1239 -11.57 -7.15 -22.87
N GLY A 1240 -12.53 -6.35 -22.43
CA GLY A 1240 -13.28 -5.47 -23.31
C GLY A 1240 -14.59 -6.08 -23.79
N ARG A 1241 -14.49 -7.22 -24.48
CA ARG A 1241 -15.66 -7.92 -25.00
C ARG A 1241 -16.05 -9.01 -24.01
N GLU A 1242 -17.10 -8.74 -23.22
CA GLU A 1242 -17.52 -9.69 -22.20
C GLU A 1242 -18.37 -10.81 -22.76
N ASP A 1243 -19.21 -10.53 -23.77
CA ASP A 1243 -20.12 -11.53 -24.33
C ASP A 1243 -19.37 -12.31 -25.42
N ALA A 1244 -18.83 -13.45 -25.03
CA ALA A 1244 -18.07 -14.29 -25.95
C ALA A 1244 -17.92 -15.67 -25.34
N THR A 1245 -18.09 -16.69 -26.17
CA THR A 1245 -18.01 -18.06 -25.72
C THR A 1245 -16.57 -18.58 -25.82
N LEU A 1246 -16.33 -19.71 -25.16
CA LEU A 1246 -15.03 -20.34 -25.19
C LEU A 1246 -14.68 -20.85 -26.59
N GLU A 1247 -15.67 -21.10 -27.43
CA GLU A 1247 -15.39 -21.54 -28.80
C GLU A 1247 -14.70 -20.47 -29.61
N ASP A 1248 -15.13 -19.21 -29.46
CA ASP A 1248 -14.46 -18.12 -30.15
C ASP A 1248 -13.03 -17.96 -29.66
N VAL A 1249 -12.78 -18.19 -28.37
CA VAL A 1249 -11.44 -18.14 -27.83
C VAL A 1249 -10.58 -19.24 -28.43
N LYS A 1250 -11.12 -20.46 -28.51
CA LYS A 1250 -10.39 -21.55 -29.14
C LYS A 1250 -10.10 -21.25 -30.59
N ARG A 1251 -11.03 -20.59 -31.28
CA ARG A 1251 -10.83 -20.24 -32.67
C ARG A 1251 -9.71 -19.23 -32.83
N VAL A 1252 -9.73 -18.16 -32.04
CA VAL A 1252 -8.79 -17.08 -32.22
C VAL A 1252 -7.41 -17.40 -31.64
N SER A 1253 -7.32 -18.35 -30.71
CA SER A 1253 -6.03 -18.78 -30.17
C SER A 1253 -5.29 -19.74 -31.09
N LYS A 1254 -5.84 -20.07 -32.24
CA LYS A 1254 -5.17 -20.92 -33.22
C LYS A 1254 -4.31 -20.11 -34.18
N PHE A 1255 -4.74 -18.90 -34.51
CA PHE A 1255 -3.93 -18.03 -35.36
C PHE A 1255 -2.72 -17.50 -34.62
N ALA A 1256 -2.82 -17.35 -33.30
CA ALA A 1256 -1.72 -16.89 -32.48
C ALA A 1256 -0.64 -17.95 -32.26
N ALA A 1257 -0.89 -19.20 -32.67
CA ALA A 1257 0.09 -20.27 -32.53
C ALA A 1257 0.44 -20.53 -31.06
N ILE A 1258 -0.60 -20.63 -30.23
CA ILE A 1258 -0.44 -20.91 -28.81
C ILE A 1258 -1.36 -22.00 -28.31
N ASP A 1259 -2.28 -22.52 -29.14
CA ASP A 1259 -3.23 -23.53 -28.67
C ASP A 1259 -2.67 -24.95 -28.79
N GLU A 1260 -1.45 -25.14 -28.32
CA GLU A 1260 -0.87 -26.43 -28.00
C GLU A 1260 -0.23 -26.43 -26.62
N PHE A 1261 0.40 -25.32 -26.23
CA PHE A 1261 0.92 -25.16 -24.88
C PHE A 1261 -0.22 -25.10 -23.88
N ILE A 1262 -1.31 -24.42 -24.22
CA ILE A 1262 -2.42 -24.29 -23.29
C ILE A 1262 -3.11 -25.63 -23.09
N GLU A 1263 -3.21 -26.43 -24.14
CA GLU A 1263 -3.79 -27.77 -24.04
C GLU A 1263 -2.70 -28.81 -23.75
N SER A 1264 -1.84 -28.49 -22.79
CA SER A 1264 -0.92 -29.43 -22.18
C SER A 1264 -0.73 -29.08 -20.71
N LEU A 1265 -1.73 -28.43 -20.11
CA LEU A 1265 -1.59 -27.67 -18.89
C LEU A 1265 -2.81 -27.91 -18.01
N PRO A 1266 -2.65 -28.16 -16.70
CA PRO A 1266 -3.83 -28.26 -15.84
C PRO A 1266 -4.58 -26.94 -15.79
N ASN A 1267 -5.90 -27.02 -15.76
CA ASN A 1267 -6.77 -25.85 -15.79
C ASN A 1267 -6.44 -24.98 -17.01
N LYS A 1268 -6.73 -25.57 -18.17
CA LYS A 1268 -6.22 -25.09 -19.46
C LYS A 1268 -6.52 -23.60 -19.67
N TYR A 1269 -7.79 -23.24 -19.74
CA TYR A 1269 -8.20 -21.84 -19.83
C TYR A 1269 -8.59 -21.24 -18.49
N ASP A 1270 -8.51 -22.02 -17.41
CA ASP A 1270 -8.78 -21.53 -16.06
C ASP A 1270 -7.51 -21.37 -15.24
N THR A 1271 -6.34 -21.41 -15.88
CA THR A 1271 -5.08 -21.20 -15.17
C THR A 1271 -4.91 -19.73 -14.83
N ASN A 1272 -4.37 -19.47 -13.64
CA ASN A 1272 -4.18 -18.11 -13.16
C ASN A 1272 -2.75 -17.66 -13.42
N VAL A 1273 -2.59 -16.63 -14.26
CA VAL A 1273 -1.28 -16.01 -14.41
C VAL A 1273 -0.99 -15.15 -13.19
N GLY A 1274 0.29 -14.88 -12.98
CA GLY A 1274 0.71 -14.13 -11.82
C GLY A 1274 0.45 -12.65 -11.98
N PRO A 1275 0.86 -11.88 -10.98
CA PRO A 1275 0.69 -10.42 -11.06
C PRO A 1275 1.57 -9.83 -12.15
N TYR A 1276 0.95 -9.04 -13.02
CA TYR A 1276 1.56 -8.39 -14.17
C TYR A 1276 2.01 -9.37 -15.25
N GLY A 1277 1.71 -10.67 -15.11
CA GLY A 1277 2.15 -11.66 -16.06
C GLY A 1277 3.53 -12.22 -15.79
N LYS A 1278 4.01 -12.16 -14.54
CA LYS A 1278 5.34 -12.63 -14.23
C LYS A 1278 5.45 -14.15 -14.25
N SER A 1279 4.34 -14.87 -14.16
CA SER A 1279 4.35 -16.32 -14.19
C SER A 1279 4.31 -16.89 -15.59
N LEU A 1280 4.52 -16.06 -16.62
CA LEU A 1280 4.65 -16.50 -17.99
C LEU A 1280 5.94 -15.93 -18.56
N SER A 1281 6.27 -16.37 -19.78
CA SER A 1281 7.44 -15.89 -20.48
C SER A 1281 7.09 -14.66 -21.30
N GLY A 1282 8.01 -14.22 -22.16
CA GLY A 1282 7.81 -13.05 -22.99
C GLY A 1282 7.16 -13.36 -24.31
N GLY A 1283 7.43 -14.54 -24.86
CA GLY A 1283 6.80 -14.93 -26.10
C GLY A 1283 5.35 -15.33 -25.94
N GLN A 1284 5.00 -15.90 -24.78
CA GLN A 1284 3.62 -16.27 -24.50
C GLN A 1284 2.78 -15.04 -24.20
N LYS A 1285 3.33 -14.15 -23.36
CA LYS A 1285 2.66 -12.89 -23.01
C LYS A 1285 2.33 -12.06 -24.22
N GLN A 1286 3.07 -12.22 -25.32
CA GLN A 1286 2.90 -11.43 -26.53
C GLN A 1286 1.89 -12.06 -27.47
N ARG A 1287 1.94 -13.39 -27.61
CA ARG A 1287 0.94 -14.09 -28.43
C ARG A 1287 -0.43 -14.01 -27.81
N ILE A 1288 -0.53 -14.01 -26.47
CA ILE A 1288 -1.82 -13.82 -25.83
C ILE A 1288 -2.38 -12.44 -26.15
N ALA A 1289 -1.52 -11.43 -26.19
CA ALA A 1289 -1.99 -10.09 -26.53
C ALA A 1289 -2.44 -10.02 -27.98
N ILE A 1290 -1.73 -10.72 -28.87
CA ILE A 1290 -2.16 -10.79 -30.27
C ILE A 1290 -3.55 -11.41 -30.38
N ALA A 1291 -3.75 -12.54 -29.68
CA ALA A 1291 -5.06 -13.19 -29.69
C ALA A 1291 -6.14 -12.27 -29.14
N ARG A 1292 -5.83 -11.54 -28.07
CA ARG A 1292 -6.77 -10.58 -27.52
C ARG A 1292 -7.13 -9.50 -28.54
N ALA A 1293 -6.15 -9.09 -29.35
CA ALA A 1293 -6.41 -8.05 -30.34
C ALA A 1293 -7.25 -8.58 -31.50
N LEU A 1294 -7.11 -9.86 -31.82
CA LEU A 1294 -7.84 -10.41 -32.96
C LEU A 1294 -9.30 -10.73 -32.66
N LEU A 1295 -9.64 -10.95 -31.39
CA LEU A 1295 -11.01 -11.34 -31.05
C LEU A 1295 -12.01 -10.22 -31.29
N ARG A 1296 -11.56 -8.97 -31.19
CA ARG A 1296 -12.47 -7.83 -31.31
C ARG A 1296 -13.00 -7.64 -32.73
N GLU A 1297 -12.49 -8.37 -33.71
CA GLU A 1297 -12.83 -8.16 -35.12
C GLU A 1297 -12.60 -6.69 -35.51
N PRO A 1298 -11.35 -6.22 -35.45
CA PRO A 1298 -11.10 -4.80 -35.68
C PRO A 1298 -11.08 -4.44 -37.15
N LYS A 1299 -11.35 -3.17 -37.42
CA LYS A 1299 -11.24 -2.62 -38.76
C LYS A 1299 -9.87 -2.04 -39.03
N ILE A 1300 -9.13 -1.64 -37.99
CA ILE A 1300 -7.78 -1.11 -38.12
C ILE A 1300 -6.89 -1.83 -37.10
N LEU A 1301 -5.78 -2.38 -37.58
CA LEU A 1301 -4.87 -3.17 -36.77
C LEU A 1301 -3.50 -2.50 -36.74
N LEU A 1302 -3.08 -2.09 -35.55
CA LEU A 1302 -1.82 -1.39 -35.33
C LEU A 1302 -0.84 -2.33 -34.63
N LEU A 1303 0.33 -2.51 -35.22
CA LEU A 1303 1.36 -3.39 -34.69
C LEU A 1303 2.64 -2.58 -34.43
N ASP A 1304 3.29 -2.88 -33.31
CA ASP A 1304 4.51 -2.18 -32.88
C ASP A 1304 5.44 -3.24 -32.29
N GLN A 1305 6.36 -3.75 -33.13
CA GLN A 1305 7.30 -4.80 -32.74
C GLN A 1305 6.55 -6.02 -32.22
N ALA A 1306 5.74 -6.61 -33.10
CA ALA A 1306 4.94 -7.77 -32.73
C ALA A 1306 5.69 -9.07 -32.83
N THR A 1307 6.93 -9.07 -33.33
CA THR A 1307 7.76 -10.27 -33.46
C THR A 1307 9.15 -10.02 -32.89
N SER A 1308 9.23 -9.35 -31.74
CA SER A 1308 10.51 -9.03 -31.13
C SER A 1308 11.05 -10.18 -30.29
N SER A 1309 10.16 -10.95 -29.66
CA SER A 1309 10.54 -12.02 -28.74
C SER A 1309 10.07 -13.38 -29.22
N LEU A 1310 10.03 -13.59 -30.54
CA LEU A 1310 9.53 -14.82 -31.14
C LEU A 1310 10.58 -15.41 -32.05
N ASP A 1311 10.68 -16.75 -32.02
CA ASP A 1311 11.57 -17.46 -32.93
C ASP A 1311 11.01 -17.40 -34.35
N SER A 1312 11.77 -17.94 -35.29
CA SER A 1312 11.41 -17.84 -36.71
C SER A 1312 10.19 -18.69 -37.05
N ASN A 1313 9.98 -19.80 -36.34
CA ASN A 1313 8.87 -20.69 -36.65
C ASN A 1313 7.54 -20.02 -36.31
N SER A 1314 7.39 -19.60 -35.04
CA SER A 1314 6.19 -18.86 -34.66
C SER A 1314 6.05 -17.58 -35.46
N GLU A 1315 7.17 -16.93 -35.76
CA GLU A 1315 7.12 -15.70 -36.55
C GLU A 1315 6.52 -15.94 -37.92
N LYS A 1316 6.96 -17.02 -38.59
CA LYS A 1316 6.42 -17.28 -39.93
C LYS A 1316 5.00 -17.82 -39.86
N LEU A 1317 4.60 -18.47 -38.76
CA LEU A 1317 3.20 -18.85 -38.60
C LEU A 1317 2.30 -17.62 -38.50
N ILE A 1318 2.66 -16.67 -37.63
CA ILE A 1318 1.88 -15.44 -37.55
C ILE A 1318 1.95 -14.66 -38.87
N GLU A 1319 3.09 -14.74 -39.57
CA GLU A 1319 3.20 -14.08 -40.87
C GLU A 1319 2.25 -14.72 -41.88
N LYS A 1320 2.11 -16.04 -41.81
CA LYS A 1320 1.13 -16.74 -42.66
C LYS A 1320 -0.28 -16.25 -42.35
N THR A 1321 -0.61 -16.12 -41.07
CA THR A 1321 -1.93 -15.60 -40.71
C THR A 1321 -2.14 -14.18 -41.24
N ILE A 1322 -1.14 -13.32 -41.10
CA ILE A 1322 -1.29 -11.94 -41.52
C ILE A 1322 -1.42 -11.84 -43.04
N VAL A 1323 -0.63 -12.61 -43.79
CA VAL A 1323 -0.74 -12.52 -45.24
C VAL A 1323 -2.04 -13.17 -45.71
N ASP A 1324 -2.55 -14.17 -44.99
CA ASP A 1324 -3.87 -14.70 -45.30
C ASP A 1324 -4.94 -13.65 -45.11
N ILE A 1325 -4.86 -12.88 -44.01
CA ILE A 1325 -5.81 -11.80 -43.78
C ILE A 1325 -5.65 -10.72 -44.85
N LYS A 1326 -4.42 -10.49 -45.31
CA LYS A 1326 -4.18 -9.49 -46.34
C LYS A 1326 -4.68 -9.94 -47.70
N ASP A 1327 -4.76 -11.25 -47.92
CA ASP A 1327 -5.24 -11.75 -49.21
C ASP A 1327 -6.68 -11.29 -49.49
N LYS A 1328 -7.47 -11.08 -48.44
CA LYS A 1328 -8.80 -10.52 -48.55
C LYS A 1328 -8.81 -9.10 -47.99
N ALA A 1329 -9.91 -8.41 -48.25
CA ALA A 1329 -10.08 -7.01 -47.89
C ALA A 1329 -10.70 -6.92 -46.49
N ASP A 1330 -11.22 -5.74 -46.14
CA ASP A 1330 -11.97 -5.49 -44.91
C ASP A 1330 -11.07 -5.44 -43.68
N LYS A 1331 -9.83 -4.99 -43.84
CA LYS A 1331 -8.98 -4.68 -42.70
C LYS A 1331 -7.78 -3.86 -43.17
N THR A 1332 -7.46 -2.82 -42.40
CA THR A 1332 -6.36 -1.92 -42.70
C THR A 1332 -5.28 -2.11 -41.65
N ILE A 1333 -4.08 -2.49 -42.09
CA ILE A 1333 -2.98 -2.88 -41.21
C ILE A 1333 -1.87 -1.86 -41.29
N ILE A 1334 -1.29 -1.53 -40.13
CA ILE A 1334 -0.11 -0.68 -40.03
C ILE A 1334 0.88 -1.36 -39.10
N THR A 1335 2.15 -1.34 -39.48
CA THR A 1335 3.19 -2.10 -38.79
C THR A 1335 4.44 -1.27 -38.59
N ILE A 1336 5.22 -1.67 -37.58
CA ILE A 1336 6.52 -1.10 -37.29
C ILE A 1336 7.45 -2.25 -36.94
N ALA A 1337 8.61 -2.30 -37.60
CA ALA A 1337 9.55 -3.38 -37.33
C ALA A 1337 10.94 -2.99 -37.84
N HIS A 1338 11.94 -3.64 -37.27
CA HIS A 1338 13.33 -3.45 -37.65
C HIS A 1338 13.89 -4.58 -38.51
N ARG A 1339 13.30 -5.77 -38.47
CA ARG A 1339 13.73 -6.87 -39.32
C ARG A 1339 13.34 -6.58 -40.76
N ILE A 1340 14.34 -6.49 -41.64
CA ILE A 1340 14.10 -6.18 -43.04
C ILE A 1340 13.30 -7.26 -43.75
N ALA A 1341 13.29 -8.49 -43.23
CA ALA A 1341 12.66 -9.59 -43.95
C ALA A 1341 11.16 -9.39 -44.08
N SER A 1342 10.50 -8.93 -43.02
CA SER A 1342 9.05 -8.77 -43.00
C SER A 1342 8.60 -7.41 -43.51
N ILE A 1343 9.39 -6.74 -44.34
CA ILE A 1343 9.09 -5.39 -44.82
C ILE A 1343 8.93 -5.39 -46.33
N LYS A 1344 9.59 -6.31 -47.02
CA LYS A 1344 9.51 -6.35 -48.47
C LYS A 1344 8.10 -6.63 -48.96
N ARG A 1345 7.31 -7.39 -48.18
CA ARG A 1345 5.98 -7.76 -48.58
C ARG A 1345 4.95 -6.65 -48.37
N SER A 1346 5.37 -5.48 -47.88
CA SER A 1346 4.46 -4.36 -47.70
C SER A 1346 4.16 -3.72 -49.05
N ASP A 1347 3.41 -2.62 -49.03
CA ASP A 1347 3.07 -1.85 -50.22
C ASP A 1347 3.80 -0.52 -50.29
N LYS A 1348 3.96 0.18 -49.17
CA LYS A 1348 4.75 1.39 -49.12
C LYS A 1348 5.51 1.45 -47.80
N ILE A 1349 6.73 1.96 -47.86
CA ILE A 1349 7.65 2.02 -46.73
C ILE A 1349 8.01 3.49 -46.53
N VAL A 1350 7.87 3.96 -45.30
CA VAL A 1350 8.07 5.36 -44.95
C VAL A 1350 9.30 5.48 -44.07
N VAL A 1351 10.19 6.39 -44.44
CA VAL A 1351 11.47 6.60 -43.77
C VAL A 1351 11.42 7.94 -43.05
N PHE A 1352 11.68 7.94 -41.75
CA PHE A 1352 11.86 9.15 -40.97
C PHE A 1352 13.35 9.39 -40.77
N ASN A 1353 13.73 10.68 -40.72
CA ASN A 1353 15.12 11.07 -40.53
C ASN A 1353 15.20 12.29 -39.63
N ASN A 1354 16.41 12.54 -39.13
CA ASN A 1354 16.66 13.69 -38.26
C ASN A 1354 18.09 14.14 -38.47
N PRO A 1355 18.38 14.83 -39.58
CA PRO A 1355 19.77 15.25 -39.83
C PRO A 1355 20.30 16.20 -38.77
N ASP A 1356 19.61 17.32 -38.54
CA ASP A 1356 19.93 18.26 -37.48
C ASP A 1356 18.86 18.16 -36.40
N ARG A 1357 19.29 18.18 -35.15
CA ARG A 1357 18.38 17.87 -34.05
C ARG A 1357 17.39 19.00 -33.82
N ASN A 1358 16.43 19.12 -34.74
CA ASN A 1358 15.32 20.07 -34.63
C ASN A 1358 13.97 19.48 -34.98
N GLY A 1359 13.91 18.30 -35.60
CA GLY A 1359 12.65 17.72 -35.98
C GLY A 1359 12.86 16.52 -36.88
N THR A 1360 11.76 16.08 -37.49
CA THR A 1360 11.78 14.96 -38.42
C THR A 1360 10.83 15.24 -39.58
N PHE A 1361 11.18 14.73 -40.76
CA PHE A 1361 10.35 14.87 -41.93
C PHE A 1361 10.52 13.65 -42.81
N VAL A 1362 9.60 13.48 -43.75
CA VAL A 1362 9.62 12.33 -44.66
C VAL A 1362 10.64 12.57 -45.76
N GLN A 1363 11.44 11.53 -46.05
CA GLN A 1363 12.44 11.58 -47.12
C GLN A 1363 12.10 10.61 -48.25
N SER A 1364 11.95 9.32 -47.95
CA SER A 1364 11.60 8.31 -48.93
C SER A 1364 10.15 7.91 -48.78
N HIS A 1365 9.58 7.33 -49.84
CA HIS A 1365 8.17 6.96 -49.84
C HIS A 1365 7.93 5.93 -50.93
N GLY A 1366 7.42 4.77 -50.55
CA GLY A 1366 7.06 3.75 -51.52
C GLY A 1366 8.25 3.06 -52.17
N THR A 1367 9.15 2.54 -51.34
CA THR A 1367 10.29 1.80 -51.87
C THR A 1367 9.91 0.37 -52.22
N HIS A 1368 9.14 -0.28 -51.34
CA HIS A 1368 8.64 -1.66 -51.48
C HIS A 1368 9.69 -2.63 -52.02
N ASP A 1369 10.93 -2.48 -51.59
CA ASP A 1369 12.04 -3.38 -51.87
C ASP A 1369 12.46 -3.34 -53.35
N GLU A 1370 11.94 -2.41 -54.14
CA GLU A 1370 12.37 -2.22 -55.52
C GLU A 1370 13.21 -0.96 -55.70
N LEU A 1371 13.03 0.04 -54.86
CA LEU A 1371 13.85 1.25 -54.84
C LEU A 1371 14.58 1.27 -53.50
N LEU A 1372 15.71 0.56 -53.44
CA LEU A 1372 16.52 0.50 -52.23
C LEU A 1372 17.71 1.44 -52.26
N SER A 1373 18.21 1.77 -53.45
CA SER A 1373 19.28 2.76 -53.60
C SER A 1373 19.06 3.48 -54.93
N ALA A 1374 18.34 4.59 -54.88
CA ALA A 1374 18.21 5.52 -55.99
C ALA A 1374 18.76 6.89 -55.63
N GLN A 1375 18.31 7.45 -54.51
CA GLN A 1375 18.92 8.63 -53.91
C GLN A 1375 19.70 8.21 -52.66
N ASP A 1376 20.50 9.14 -52.15
CA ASP A 1376 21.28 8.87 -50.94
C ASP A 1376 20.34 8.71 -49.76
N GLY A 1377 20.37 7.56 -49.10
CA GLY A 1377 19.49 7.28 -48.00
C GLY A 1377 20.07 6.24 -47.07
N ILE A 1378 19.32 5.93 -46.02
CA ILE A 1378 19.77 4.99 -45.00
C ILE A 1378 19.31 3.56 -45.30
N TYR A 1379 18.21 3.40 -46.06
CA TYR A 1379 17.63 2.09 -46.29
C TYR A 1379 18.61 1.14 -46.99
N LYS A 1380 19.44 1.67 -47.90
CA LYS A 1380 20.42 0.84 -48.59
C LYS A 1380 21.43 0.22 -47.63
N LYS A 1381 21.61 0.82 -46.45
CA LYS A 1381 22.44 0.20 -45.42
C LYS A 1381 21.67 -0.88 -44.67
N TYR A 1382 20.44 -0.58 -44.25
CA TYR A 1382 19.65 -1.55 -43.49
C TYR A 1382 19.34 -2.81 -44.29
N VAL A 1383 19.31 -2.73 -45.62
CA VAL A 1383 19.07 -3.95 -46.40
C VAL A 1383 20.30 -4.85 -46.38
N LYS A 1384 21.51 -4.29 -46.42
CA LYS A 1384 22.72 -5.08 -46.60
C LYS A 1384 23.38 -5.49 -45.29
N LEU A 1385 23.24 -4.70 -44.22
CA LEU A 1385 23.84 -5.08 -42.95
C LEU A 1385 23.19 -6.30 -42.31
N ALA A 1386 22.01 -6.71 -42.78
CA ALA A 1386 21.35 -7.90 -42.26
C ALA A 1386 20.35 -8.43 -43.26
PG ATP B . 11.42 -16.55 -24.50
O1G ATP B . 12.35 -17.52 -25.19
O2G ATP B . 10.20 -16.18 -25.29
O3G ATP B . 12.12 -15.40 -23.82
PB ATP B . 11.85 -18.06 -22.21
O1B ATP B . 12.38 -19.35 -22.81
O2B ATP B . 12.82 -17.00 -21.75
O3B ATP B . 10.85 -17.41 -23.27
PA ATP B . 11.43 -19.28 -19.74
O1A ATP B . 11.92 -18.34 -18.67
O2A ATP B . 12.35 -20.34 -20.32
O3A ATP B . 10.88 -18.44 -20.98
O5' ATP B . 10.12 -20.03 -19.20
C5' ATP B . 10.12 -21.44 -19.06
C4' ATP B . 8.79 -21.95 -18.52
O4' ATP B . 8.71 -21.66 -17.13
C3' ATP B . 7.57 -21.34 -19.18
O3' ATP B . 6.80 -22.34 -19.83
C2' ATP B . 6.76 -20.71 -18.07
O2' ATP B . 5.39 -21.11 -18.16
C1' ATP B . 7.40 -21.21 -16.78
N9 ATP B . 7.51 -20.19 -15.71
C8 ATP B . 8.19 -19.04 -15.76
N7 ATP B . 8.08 -18.36 -14.59
C5 ATP B . 7.31 -19.09 -13.77
C6 ATP B . 6.80 -18.95 -12.39
N6 ATP B . 7.10 -17.87 -11.65
N1 ATP B . 6.03 -19.95 -11.90
C2 ATP B . 5.73 -21.04 -12.64
N3 ATP B . 6.16 -21.22 -13.89
C4 ATP B . 6.94 -20.30 -14.50
PG ATP C . 12.16 3.31 -30.49
O1G ATP C . 12.16 3.16 -31.99
O2G ATP C . 11.02 2.61 -29.79
O3G ATP C . 13.50 3.07 -29.84
PB ATP C . 10.49 5.52 -30.70
O1B ATP C . 10.52 5.67 -32.19
O2B ATP C . 9.38 4.72 -30.05
O3B ATP C . 11.89 4.87 -30.24
PA ATP C . 9.32 7.44 -29.05
O1A ATP C . 8.09 7.74 -29.88
O2A ATP C . 9.27 6.42 -27.95
O3A ATP C . 10.50 6.99 -30.05
O5' ATP C . 9.81 8.84 -28.42
C5' ATP C . 10.78 9.65 -29.07
C4' ATP C . 11.06 10.89 -28.23
O4' ATP C . 9.87 11.30 -27.54
C3' ATP C . 12.13 10.67 -27.17
O3' ATP C . 13.35 11.32 -27.55
C2' ATP C . 11.57 11.26 -25.89
O2' ATP C . 12.42 12.29 -25.39
C1' ATP C . 10.20 11.79 -26.25
N9 ATP C . 9.20 11.33 -25.25
C8 ATP C . 8.60 10.12 -25.27
N7 ATP C . 7.74 10.01 -24.22
C5 ATP C . 7.78 11.15 -23.53
C6 ATP C . 7.13 11.69 -22.32
N6 ATP C . 6.22 10.96 -21.63
N1 ATP C . 7.45 12.94 -21.93
C2 ATP C . 8.35 13.68 -22.59
N3 ATP C . 8.98 13.26 -23.70
C4 ATP C . 8.75 12.02 -24.21
MG MG D . 9.22 1.74 -29.38
MG MG E . 12.85 -14.97 -21.88
#